data_3K9A
# 
_entry.id   3K9A 
# 
_audit_conform.dict_name       mmcif_pdbx.dic 
_audit_conform.dict_version    5.378 
_audit_conform.dict_location   http://mmcif.pdb.org/dictionaries/ascii/mmcif_pdbx.dic 
# 
loop_
_database_2.database_id 
_database_2.database_code 
_database_2.pdbx_database_accession 
_database_2.pdbx_DOI 
PDB   3K9A         pdb_00003k9a 10.2210/pdb3k9a/pdb 
RCSB  RCSB055707   ?            ?                   
WWPDB D_1000055707 ?            ?                   
# 
_pdbx_database_status.status_code                     REL 
_pdbx_database_status.entry_id                        3K9A 
_pdbx_database_status.recvd_initial_deposition_date   2009-10-15 
_pdbx_database_status.deposit_site                    RCSB 
_pdbx_database_status.process_site                    RCSB 
_pdbx_database_status.status_code_sf                  REL 
_pdbx_database_status.status_code_mr                  ? 
_pdbx_database_status.SG_entry                        ? 
_pdbx_database_status.pdb_format_compatible           Y 
_pdbx_database_status.status_code_cs                  ? 
_pdbx_database_status.status_code_nmr_data            ? 
_pdbx_database_status.methods_development_category    ? 
# 
loop_
_audit_author.name 
_audit_author.pdbx_ordinal 
'Shi, W.'      1 
'Han, D.'      2 
'Habte, H.'    3 
'Cho, M.'      4 
'Chance, M.R.' 5 
# 
_citation.id                        primary 
_citation.title                     'Structural characterization of HIV gp41 with the membrane-proximal external region' 
_citation.journal_abbrev            J.Biol.Chem. 
_citation.journal_volume            285 
_citation.page_first                24290 
_citation.page_last                 24298 
_citation.year                      2010 
_citation.journal_id_ASTM           JBCHA3 
_citation.country                   US 
_citation.journal_id_ISSN           0021-9258 
_citation.journal_id_CSD            0071 
_citation.book_publisher            ? 
_citation.pdbx_database_id_PubMed   20525690 
_citation.pdbx_database_id_DOI      10.1074/jbc.M110.111351 
# 
loop_
_citation_author.citation_id 
_citation_author.name 
_citation_author.ordinal 
_citation_author.identifier_ORCID 
primary 'Shi, W.'      1 ? 
primary 'Bohon, J.'    2 ? 
primary 'Han, D.P.'    3 ? 
primary 'Habte, H.'    4 ? 
primary 'Qin, Y.'      5 ? 
primary 'Cho, M.W.'    6 ? 
primary 'Chance, M.R.' 7 ? 
# 
_cell.entry_id           3K9A 
_cell.length_a           50.588 
_cell.length_b           50.588 
_cell.length_c           155.094 
_cell.angle_alpha        90.00 
_cell.angle_beta         90.00 
_cell.angle_gamma        120.00 
_cell.Z_PDB              12 
_cell.pdbx_unique_axis   ? 
_cell.length_a_esd       ? 
_cell.length_b_esd       ? 
_cell.length_c_esd       ? 
_cell.angle_alpha_esd    ? 
_cell.angle_beta_esd     ? 
_cell.angle_gamma_esd    ? 
# 
_symmetry.entry_id                         3K9A 
_symmetry.space_group_name_H-M             'P 63 2 2' 
_symmetry.pdbx_full_space_group_name_H-M   ? 
_symmetry.cell_setting                     ? 
_symmetry.Int_Tables_number                182 
_symmetry.space_group_name_Hall            ? 
# 
loop_
_entity.id 
_entity.type 
_entity.src_method 
_entity.pdbx_description 
_entity.formula_weight 
_entity.pdbx_number_of_molecules 
_entity.pdbx_ec 
_entity.pdbx_mutation 
_entity.pdbx_fragment 
_entity.details 
1 polymer man 'HIV glycoprotein gp41' 12722.096 1  ? HR1+4XGly+HR2+MPER 'gp41 fusion protein' ? 
2 water   nat water                   18.015    19 ? ?                  ?                     ? 
# 
_entity_poly.entity_id                      1 
_entity_poly.type                           'polypeptide(L)' 
_entity_poly.nstd_linkage                   no 
_entity_poly.nstd_monomer                   no 
_entity_poly.pdbx_seq_one_letter_code       
;MASMTGGQQMGRGSGIVQQQSNLLRAIEAQQHLLQLTVWGIKQGGGGSEWEREISNYTDIIYRLIEESQNQQEKNEQELL
ALDKWASLWNWFDITNWLWYIQHHHHHH
;
_entity_poly.pdbx_seq_one_letter_code_can   
;MASMTGGQQMGRGSGIVQQQSNLLRAIEAQQHLLQLTVWGIKQGGGGSEWEREISNYTDIIYRLIEESQNQQEKNEQELL
ALDKWASLWNWFDITNWLWYIQHHHHHH
;
_entity_poly.pdbx_strand_id                 A 
_entity_poly.pdbx_target_identifier         ? 
# 
loop_
_entity_poly_seq.entity_id 
_entity_poly_seq.num 
_entity_poly_seq.mon_id 
_entity_poly_seq.hetero 
1 1   MET n 
1 2   ALA n 
1 3   SER n 
1 4   MET n 
1 5   THR n 
1 6   GLY n 
1 7   GLY n 
1 8   GLN n 
1 9   GLN n 
1 10  MET n 
1 11  GLY n 
1 12  ARG n 
1 13  GLY n 
1 14  SER n 
1 15  GLY n 
1 16  ILE n 
1 17  VAL n 
1 18  GLN n 
1 19  GLN n 
1 20  GLN n 
1 21  SER n 
1 22  ASN n 
1 23  LEU n 
1 24  LEU n 
1 25  ARG n 
1 26  ALA n 
1 27  ILE n 
1 28  GLU n 
1 29  ALA n 
1 30  GLN n 
1 31  GLN n 
1 32  HIS n 
1 33  LEU n 
1 34  LEU n 
1 35  GLN n 
1 36  LEU n 
1 37  THR n 
1 38  VAL n 
1 39  TRP n 
1 40  GLY n 
1 41  ILE n 
1 42  LYS n 
1 43  GLN n 
1 44  GLY n 
1 45  GLY n 
1 46  GLY n 
1 47  GLY n 
1 48  SER n 
1 49  GLU n 
1 50  TRP n 
1 51  GLU n 
1 52  ARG n 
1 53  GLU n 
1 54  ILE n 
1 55  SER n 
1 56  ASN n 
1 57  TYR n 
1 58  THR n 
1 59  ASP n 
1 60  ILE n 
1 61  ILE n 
1 62  TYR n 
1 63  ARG n 
1 64  LEU n 
1 65  ILE n 
1 66  GLU n 
1 67  GLU n 
1 68  SER n 
1 69  GLN n 
1 70  ASN n 
1 71  GLN n 
1 72  GLN n 
1 73  GLU n 
1 74  LYS n 
1 75  ASN n 
1 76  GLU n 
1 77  GLN n 
1 78  GLU n 
1 79  LEU n 
1 80  LEU n 
1 81  ALA n 
1 82  LEU n 
1 83  ASP n 
1 84  LYS n 
1 85  TRP n 
1 86  ALA n 
1 87  SER n 
1 88  LEU n 
1 89  TRP n 
1 90  ASN n 
1 91  TRP n 
1 92  PHE n 
1 93  ASP n 
1 94  ILE n 
1 95  THR n 
1 96  ASN n 
1 97  TRP n 
1 98  LEU n 
1 99  TRP n 
1 100 TYR n 
1 101 ILE n 
1 102 GLN n 
1 103 HIS n 
1 104 HIS n 
1 105 HIS n 
1 106 HIS n 
1 107 HIS n 
1 108 HIS n 
# 
_entity_src_gen.entity_id                          1 
_entity_src_gen.pdbx_src_id                        1 
_entity_src_gen.pdbx_alt_source_flag               sample 
_entity_src_gen.pdbx_seq_type                      ? 
_entity_src_gen.pdbx_beg_seq_num                   ? 
_entity_src_gen.pdbx_end_seq_num                   ? 
_entity_src_gen.gene_src_common_name               ? 
_entity_src_gen.gene_src_genus                     ? 
_entity_src_gen.pdbx_gene_src_gene                 gp41 
_entity_src_gen.gene_src_species                   ? 
_entity_src_gen.gene_src_strain                    MCON6 
_entity_src_gen.gene_src_tissue                    ? 
_entity_src_gen.gene_src_tissue_fraction           ? 
_entity_src_gen.gene_src_details                   ? 
_entity_src_gen.pdbx_gene_src_fragment             ? 
_entity_src_gen.pdbx_gene_src_scientific_name      'Human immunodeficiency virus 1' 
_entity_src_gen.pdbx_gene_src_ncbi_taxonomy_id     11676 
_entity_src_gen.pdbx_gene_src_variant              ? 
_entity_src_gen.pdbx_gene_src_cell_line            ? 
_entity_src_gen.pdbx_gene_src_atcc                 ? 
_entity_src_gen.pdbx_gene_src_organ                ? 
_entity_src_gen.pdbx_gene_src_organelle            ? 
_entity_src_gen.pdbx_gene_src_cell                 ? 
_entity_src_gen.pdbx_gene_src_cellular_location    ? 
_entity_src_gen.host_org_common_name               ? 
_entity_src_gen.pdbx_host_org_scientific_name      'Escherichia coli' 
_entity_src_gen.pdbx_host_org_ncbi_taxonomy_id     562 
_entity_src_gen.host_org_genus                     ? 
_entity_src_gen.pdbx_host_org_gene                 ? 
_entity_src_gen.pdbx_host_org_organ                ? 
_entity_src_gen.host_org_species                   ? 
_entity_src_gen.pdbx_host_org_tissue               ? 
_entity_src_gen.pdbx_host_org_tissue_fraction      ? 
_entity_src_gen.pdbx_host_org_strain               ? 
_entity_src_gen.pdbx_host_org_variant              ? 
_entity_src_gen.pdbx_host_org_cell_line            ? 
_entity_src_gen.pdbx_host_org_atcc                 ? 
_entity_src_gen.pdbx_host_org_culture_collection   ? 
_entity_src_gen.pdbx_host_org_cell                 ? 
_entity_src_gen.pdbx_host_org_organelle            ? 
_entity_src_gen.pdbx_host_org_cellular_location    ? 
_entity_src_gen.pdbx_host_org_vector_type          ? 
_entity_src_gen.pdbx_host_org_vector               ? 
_entity_src_gen.host_org_details                   ? 
_entity_src_gen.expression_system_id               ? 
_entity_src_gen.plasmid_name                       ? 
_entity_src_gen.plasmid_details                    ? 
_entity_src_gen.pdbx_description                   ? 
# 
_struct_ref.id                         1 
_struct_ref.db_name                    PDB 
_struct_ref.db_code                    3K9A 
_struct_ref.pdbx_db_accession          3K9A 
_struct_ref.entity_id                  1 
_struct_ref.pdbx_align_begin           1 
_struct_ref.pdbx_seq_one_letter_code   
;MASMTGGQQMGRGSGIVQQQSNLLRAIEAQQHLLQLTVWGIKQGGGGSEWEREISNYTDIIYRLIEESQNQQEKNEQELL
ALDKWASLWNWFDITNWLWYIQHHHHHH
;
_struct_ref.pdbx_db_isoform            ? 
# 
_struct_ref_seq.align_id                      1 
_struct_ref_seq.ref_id                        1 
_struct_ref_seq.pdbx_PDB_id_code              3K9A 
_struct_ref_seq.pdbx_strand_id                A 
_struct_ref_seq.seq_align_beg                 1 
_struct_ref_seq.pdbx_seq_align_beg_ins_code   ? 
_struct_ref_seq.seq_align_end                 108 
_struct_ref_seq.pdbx_seq_align_end_ins_code   ? 
_struct_ref_seq.pdbx_db_accession             3K9A 
_struct_ref_seq.db_align_beg                  1 
_struct_ref_seq.pdbx_db_align_beg_ins_code    ? 
_struct_ref_seq.db_align_end                  108 
_struct_ref_seq.pdbx_db_align_end_ins_code    ? 
_struct_ref_seq.pdbx_auth_seq_align_beg       1 
_struct_ref_seq.pdbx_auth_seq_align_end       108 
# 
loop_
_chem_comp.id 
_chem_comp.type 
_chem_comp.mon_nstd_flag 
_chem_comp.name 
_chem_comp.pdbx_synonyms 
_chem_comp.formula 
_chem_comp.formula_weight 
ALA 'L-peptide linking' y ALANINE         ? 'C3 H7 N O2'     89.093  
ARG 'L-peptide linking' y ARGININE        ? 'C6 H15 N4 O2 1' 175.209 
ASN 'L-peptide linking' y ASPARAGINE      ? 'C4 H8 N2 O3'    132.118 
ASP 'L-peptide linking' y 'ASPARTIC ACID' ? 'C4 H7 N O4'     133.103 
GLN 'L-peptide linking' y GLUTAMINE       ? 'C5 H10 N2 O3'   146.144 
GLU 'L-peptide linking' y 'GLUTAMIC ACID' ? 'C5 H9 N O4'     147.129 
GLY 'peptide linking'   y GLYCINE         ? 'C2 H5 N O2'     75.067  
HIS 'L-peptide linking' y HISTIDINE       ? 'C6 H10 N3 O2 1' 156.162 
HOH non-polymer         . WATER           ? 'H2 O'           18.015  
ILE 'L-peptide linking' y ISOLEUCINE      ? 'C6 H13 N O2'    131.173 
LEU 'L-peptide linking' y LEUCINE         ? 'C6 H13 N O2'    131.173 
LYS 'L-peptide linking' y LYSINE          ? 'C6 H15 N2 O2 1' 147.195 
MET 'L-peptide linking' y METHIONINE      ? 'C5 H11 N O2 S'  149.211 
PHE 'L-peptide linking' y PHENYLALANINE   ? 'C9 H11 N O2'    165.189 
SER 'L-peptide linking' y SERINE          ? 'C3 H7 N O3'     105.093 
THR 'L-peptide linking' y THREONINE       ? 'C4 H9 N O3'     119.119 
TRP 'L-peptide linking' y TRYPTOPHAN      ? 'C11 H12 N2 O2'  204.225 
TYR 'L-peptide linking' y TYROSINE        ? 'C9 H11 N O3'    181.189 
VAL 'L-peptide linking' y VALINE          ? 'C5 H11 N O2'    117.146 
# 
_exptl.entry_id          3K9A 
_exptl.method            'X-RAY DIFFRACTION' 
_exptl.crystals_number   1 
# 
_exptl_crystal.id                    1 
_exptl_crystal.density_meas          ? 
_exptl_crystal.density_Matthews      2.25 
_exptl_crystal.density_percent_sol   45.37 
_exptl_crystal.description           ? 
_exptl_crystal.F_000                 ? 
_exptl_crystal.preparation           ? 
# 
_exptl_crystal_grow.crystal_id      1 
_exptl_crystal_grow.method          'VAPOR DIFFUSION, SITTING DROP' 
_exptl_crystal_grow.temp            298 
_exptl_crystal_grow.temp_details    ? 
_exptl_crystal_grow.pH              6.5 
_exptl_crystal_grow.pdbx_details    
'45% MPD, 0.2 M sodium acetate, 0.1 M Bis-tris, pH 6.5, VAPOR DIFFUSION, SITTING DROP, temperature 298K' 
_exptl_crystal_grow.pdbx_pH_range   ? 
# 
_diffrn.id                     1 
_diffrn.ambient_temp           100 
_diffrn.ambient_temp_details   ? 
_diffrn.crystal_id             1 
# 
_diffrn_detector.diffrn_id              1 
_diffrn_detector.detector               CCD 
_diffrn_detector.type                   'ADSC QUANTUM 315' 
_diffrn_detector.pdbx_collection_date   2009-08-28 
_diffrn_detector.details                'monochromator and mirror' 
# 
_diffrn_radiation.diffrn_id                        1 
_diffrn_radiation.wavelength_id                    1 
_diffrn_radiation.pdbx_monochromatic_or_laue_m_l   M 
_diffrn_radiation.monochromator                    'SAGITALLY FOCUSED Si(111)' 
_diffrn_radiation.pdbx_diffrn_protocol             'SINGLE WAVELENGTH' 
_diffrn_radiation.pdbx_scattering_type             x-ray 
# 
_diffrn_radiation_wavelength.id           1 
_diffrn_radiation_wavelength.wavelength   1.08 
_diffrn_radiation_wavelength.wt           1.0 
# 
_diffrn_source.diffrn_id                   1 
_diffrn_source.source                      SYNCHROTRON 
_diffrn_source.type                        'NSLS BEAMLINE X29A' 
_diffrn_source.pdbx_synchrotron_site       NSLS 
_diffrn_source.pdbx_synchrotron_beamline   X29A 
_diffrn_source.pdbx_wavelength             ? 
_diffrn_source.pdbx_wavelength_list        1.08 
# 
_reflns.entry_id                     3K9A 
_reflns.observed_criterion_sigma_I   ? 
_reflns.observed_criterion_sigma_F   ? 
_reflns.d_resolution_low             50 
_reflns.d_resolution_high            2.10 
_reflns.number_obs                   7537 
_reflns.number_all                   ? 
_reflns.percent_possible_obs         99.8 
_reflns.pdbx_Rmerge_I_obs            ? 
_reflns.pdbx_Rsym_value              0.074 
_reflns.pdbx_netI_over_sigmaI        55.8 
_reflns.B_iso_Wilson_estimate        40.71 
_reflns.pdbx_redundancy              30.0 
_reflns.R_free_details               ? 
_reflns.limit_h_max                  ? 
_reflns.limit_h_min                  ? 
_reflns.limit_k_max                  ? 
_reflns.limit_k_min                  ? 
_reflns.limit_l_max                  ? 
_reflns.limit_l_min                  ? 
_reflns.observed_criterion_F_max     ? 
_reflns.observed_criterion_F_min     ? 
_reflns.pdbx_chi_squared             ? 
_reflns.pdbx_scaling_rejects         ? 
_reflns.pdbx_diffrn_id               1 
_reflns.pdbx_ordinal                 1 
# 
_reflns_shell.d_res_high             2.10 
_reflns_shell.d_res_low              2.14 
_reflns_shell.percent_possible_all   100 
_reflns_shell.Rmerge_I_obs           ? 
_reflns_shell.pdbx_Rsym_value        0.713 
_reflns_shell.meanI_over_sigI_obs    6.0 
_reflns_shell.pdbx_redundancy        29.9 
_reflns_shell.percent_possible_obs   ? 
_reflns_shell.number_unique_all      355 
_reflns_shell.number_measured_all    ? 
_reflns_shell.number_measured_obs    ? 
_reflns_shell.number_unique_obs      ? 
_reflns_shell.pdbx_chi_squared       ? 
_reflns_shell.pdbx_diffrn_id         ? 
_reflns_shell.pdbx_ordinal           1 
# 
_refine.entry_id                                 3K9A 
_refine.ls_number_reflns_obs                     7497 
_refine.ls_number_reflns_all                     7518 
_refine.pdbx_ls_sigma_I                          ? 
_refine.pdbx_ls_sigma_F                          1.34 
_refine.pdbx_data_cutoff_high_absF               ? 
_refine.pdbx_data_cutoff_low_absF                ? 
_refine.pdbx_data_cutoff_high_rms_absF           ? 
_refine.ls_d_res_low                             42.2 
_refine.ls_d_res_high                            2.10 
_refine.ls_percent_reflns_obs                    99.7 
_refine.ls_R_factor_obs                          0.2454 
_refine.ls_R_factor_all                          ? 
_refine.ls_R_factor_R_work                       0.2451 
_refine.ls_R_factor_R_free                       0.2488 
_refine.ls_R_factor_R_free_error                 ? 
_refine.ls_R_factor_R_free_error_details         ? 
_refine.ls_percent_reflns_R_free                 ? 
_refine.ls_number_reflns_R_free                  563 
_refine.ls_number_parameters                     ? 
_refine.ls_number_restraints                     ? 
_refine.occupancy_min                            ? 
_refine.occupancy_max                            ? 
_refine.correlation_coeff_Fo_to_Fc               ? 
_refine.correlation_coeff_Fo_to_Fc_free          ? 
_refine.B_iso_mean                               51.4 
_refine.aniso_B[1][1]                            -1.3604 
_refine.aniso_B[2][2]                            -1.3604 
_refine.aniso_B[3][3]                            2.7208 
_refine.aniso_B[1][2]                            0.0 
_refine.aniso_B[1][3]                            0.0 
_refine.aniso_B[2][3]                            0.0 
_refine.solvent_model_details                    ? 
_refine.solvent_model_param_ksol                 ? 
_refine.solvent_model_param_bsol                 ? 
_refine.pdbx_solvent_vdw_probe_radii             ? 
_refine.pdbx_solvent_ion_probe_radii             ? 
_refine.pdbx_solvent_shrinkage_radii             ? 
_refine.pdbx_ls_cross_valid_method               THROUGHOUT 
_refine.details                                  ? 
_refine.pdbx_starting_model                      'PDB entry 1AIK' 
_refine.pdbx_method_to_determine_struct          'Molecular replacement + Br SAD' 
_refine.pdbx_isotropic_thermal_model             isotropic 
_refine.pdbx_stereochemistry_target_values       ? 
_refine.pdbx_stereochem_target_val_spec_case     ? 
_refine.pdbx_R_Free_selection_details            Random 
_refine.pdbx_overall_ESU_R                       ? 
_refine.pdbx_overall_ESU_R_Free                  ? 
_refine.overall_SU_ML                            ? 
_refine.overall_SU_B                             ? 
_refine.ls_redundancy_reflns_obs                 ? 
_refine.B_iso_min                                ? 
_refine.B_iso_max                                ? 
_refine.overall_SU_R_Cruickshank_DPI             ? 
_refine.overall_SU_R_free                        ? 
_refine.ls_wR_factor_R_free                      ? 
_refine.ls_wR_factor_R_work                      ? 
_refine.overall_FOM_free_R_set                   ? 
_refine.overall_FOM_work_R_set                   ? 
_refine.pdbx_overall_phase_error                 ? 
_refine.pdbx_refine_id                           'X-RAY DIFFRACTION' 
_refine.pdbx_diffrn_id                           1 
_refine.pdbx_TLS_residual_ADP_flag               ? 
_refine.pdbx_overall_SU_R_free_Cruickshank_DPI   ? 
_refine.pdbx_overall_SU_R_Blow_DPI               ? 
_refine.pdbx_overall_SU_R_free_Blow_DPI          ? 
# 
_refine_hist.pdbx_refine_id                   'X-RAY DIFFRACTION' 
_refine_hist.cycle_id                         LAST 
_refine_hist.pdbx_number_atoms_protein        642 
_refine_hist.pdbx_number_atoms_nucleic_acid   0 
_refine_hist.pdbx_number_atoms_ligand         0 
_refine_hist.number_atoms_solvent             19 
_refine_hist.number_atoms_total               661 
_refine_hist.d_res_high                       2.10 
_refine_hist.d_res_low                        42.2 
# 
loop_
_refine_ls_restr.type 
_refine_ls_restr.dev_ideal 
_refine_ls_restr.dev_ideal_target 
_refine_ls_restr.weight 
_refine_ls_restr.number 
_refine_ls_restr.pdbx_refine_id 
_refine_ls_restr.pdbx_restraint_function 
fond     0.003  ? ? ? 'X-RAY DIFFRACTION' ? 
fngle    0.594  ? ? ? 'X-RAY DIFFRACTION' ? 
fihedral 15.778 ? ? ? 'X-RAY DIFFRACTION' ? 
# 
loop_
_refine_ls_shell.pdbx_total_number_of_bins_used 
_refine_ls_shell.d_res_high 
_refine_ls_shell.d_res_low 
_refine_ls_shell.number_reflns_R_work 
_refine_ls_shell.R_factor_R_work 
_refine_ls_shell.percent_reflns_obs 
_refine_ls_shell.R_factor_R_free 
_refine_ls_shell.R_factor_R_free_error 
_refine_ls_shell.percent_reflns_R_free 
_refine_ls_shell.number_reflns_R_free 
_refine_ls_shell.number_reflns_all 
_refine_ls_shell.R_factor_all 
_refine_ls_shell.number_reflns_obs 
_refine_ls_shell.redundancy_reflns_obs 
_refine_ls_shell.pdbx_refine_id 
. 2.10 2.31 . 0.2199 100 0.2919 . . 133 . . 1810 . 'X-RAY DIFFRACTION' 
. 2.31 2.64 . 0.1996 100 0.2769 . . 131 . . 1816 . 'X-RAY DIFFRACTION' 
. 2.64 3.33 . 0.2101 100 0.2335 . . 137 . . 1856 . 'X-RAY DIFFRACTION' 
. 3.33 42.2 . 0.2732 99  0.2406 . . 162 . . 2015 . 'X-RAY DIFFRACTION' 
# 
_struct.entry_id                  3K9A 
_struct.title                     'Crystal Structure of HIV gp41 with MPER' 
_struct.pdbx_model_details        ? 
_struct.pdbx_CASP_flag            ? 
_struct.pdbx_model_type_details   ? 
# 
_struct_keywords.entry_id        3K9A 
_struct_keywords.pdbx_keywords   'VIRAL PROTEIN' 
_struct_keywords.text            'HIV, gp41, membrane proximal external region, MPER, VIRAL PROTEIN' 
# 
loop_
_struct_asym.id 
_struct_asym.pdbx_blank_PDB_chainid_flag 
_struct_asym.pdbx_modified 
_struct_asym.entity_id 
_struct_asym.details 
A N N 1 ? 
B N N 2 ? 
# 
_struct_biol.id        1 
_struct_biol.details   ? 
# 
loop_
_struct_conf.conf_type_id 
_struct_conf.id 
_struct_conf.pdbx_PDB_helix_id 
_struct_conf.beg_label_comp_id 
_struct_conf.beg_label_asym_id 
_struct_conf.beg_label_seq_id 
_struct_conf.pdbx_beg_PDB_ins_code 
_struct_conf.end_label_comp_id 
_struct_conf.end_label_asym_id 
_struct_conf.end_label_seq_id 
_struct_conf.pdbx_end_PDB_ins_code 
_struct_conf.beg_auth_comp_id 
_struct_conf.beg_auth_asym_id 
_struct_conf.beg_auth_seq_id 
_struct_conf.end_auth_comp_id 
_struct_conf.end_auth_asym_id 
_struct_conf.end_auth_seq_id 
_struct_conf.pdbx_PDB_helix_class 
_struct_conf.details 
_struct_conf.pdbx_PDB_helix_length 
HELX_P HELX_P1 1 GLY A 13 ? GLY A 44 ? GLY A 13 GLY A 44 1 ? 32 
HELX_P HELX_P2 2 GLY A 47 ? PHE A 92 ? GLY A 47 PHE A 92 1 ? 46 
# 
_struct_conf_type.id          HELX_P 
_struct_conf_type.criteria    ? 
_struct_conf_type.reference   ? 
# 
_atom_sites.entry_id                    3K9A 
_atom_sites.fract_transf_matrix[1][1]   -0.00212734 
_atom_sites.fract_transf_matrix[1][2]   -0.02271637 
_atom_sites.fract_transf_matrix[1][3]   0.00068652 
_atom_sites.fract_transf_matrix[2][1]   0.00696338 
_atom_sites.fract_transf_matrix[2][2]   -0.01156390 
_atom_sites.fract_transf_matrix[2][3]   0.01840690 
_atom_sites.fract_transf_matrix[3][1]   -0.00586175 
_atom_sites.fract_transf_matrix[3][2]   0.00062788 
_atom_sites.fract_transf_matrix[3][3]   0.00261197 
_atom_sites.fract_transf_vector[1]      0.260492 
_atom_sites.fract_transf_vector[2]      0.512629 
_atom_sites.fract_transf_vector[3]      0.480289 
# 
loop_
_atom_type.symbol 
C 
N 
O 
# 
loop_
_atom_site.group_PDB 
_atom_site.id 
_atom_site.type_symbol 
_atom_site.label_atom_id 
_atom_site.label_alt_id 
_atom_site.label_comp_id 
_atom_site.label_asym_id 
_atom_site.label_entity_id 
_atom_site.label_seq_id 
_atom_site.pdbx_PDB_ins_code 
_atom_site.Cartn_x 
_atom_site.Cartn_y 
_atom_site.Cartn_z 
_atom_site.occupancy 
_atom_site.B_iso_or_equiv 
_atom_site.pdbx_formal_charge 
_atom_site.auth_seq_id 
_atom_site.auth_comp_id 
_atom_site.auth_asym_id 
_atom_site.auth_atom_id 
_atom_site.pdbx_PDB_model_num 
ATOM   1   N N   . GLY A 1 13 ? 16.300  -0.933  -5.818  1.00 80.28  ? 13  GLY A N   1 
ATOM   2   C CA  . GLY A 1 13 ? 16.469  -0.458  -4.457  1.00 61.53  ? 13  GLY A CA  1 
ATOM   3   C C   . GLY A 1 13 ? 15.467  0.621   -4.085  1.00 64.67  ? 13  GLY A C   1 
ATOM   4   O O   . GLY A 1 13 ? 14.883  0.597   -2.999  1.00 47.80  ? 13  GLY A O   1 
ATOM   5   N N   . SER A 1 14 ? 15.269  1.574   -4.987  1.00 47.34  ? 14  SER A N   1 
ATOM   6   C CA  . SER A 1 14 ? 14.327  2.657   -4.737  1.00 67.61  ? 14  SER A CA  1 
ATOM   7   C C   . SER A 1 14 ? 12.893  2.138   -4.710  1.00 53.87  ? 14  SER A C   1 
ATOM   8   O O   . SER A 1 14 ? 12.069  2.616   -3.938  1.00 45.09  ? 14  SER A O   1 
ATOM   9   C CB  . SER A 1 14 ? 14.473  3.758   -5.792  1.00 48.99  ? 14  SER A CB  1 
ATOM   10  O OG  . SER A 1 14 ? 13.950  3.343   -7.044  1.00 85.49  ? 14  SER A OG  1 
ATOM   11  N N   . GLY A 1 15 ? 12.606  1.159   -5.565  1.00 45.54  ? 15  GLY A N   1 
ATOM   12  C CA  . GLY A 1 15 ? 11.274  0.599   -5.676  1.00 45.74  ? 15  GLY A CA  1 
ATOM   13  C C   . GLY A 1 15 ? 10.771  -0.031  -4.388  1.00 43.36  ? 15  GLY A C   1 
ATOM   14  O O   . GLY A 1 15 ? 9.590   0.072   -4.061  1.00 39.43  ? 15  GLY A O   1 
ATOM   15  N N   . ILE A 1 16 ? 11.662  -0.691  -3.657  1.00 36.70  ? 16  ILE A N   1 
ATOM   16  C CA  . ILE A 1 16 ? 11.280  -1.335  -2.403  1.00 37.49  ? 16  ILE A CA  1 
ATOM   17  C C   . ILE A 1 16 ? 11.094  -0.325  -1.269  1.00 37.56  ? 16  ILE A C   1 
ATOM   18  O O   . ILE A 1 16 ? 10.128  -0.409  -0.507  1.00 41.83  ? 16  ILE A O   1 
ATOM   19  C CB  . ILE A 1 16 ? 12.280  -2.436  -1.996  1.00 55.95  ? 16  ILE A CB  1 
ATOM   20  C CG1 . ILE A 1 16 ? 13.711  -1.908  -2.078  1.00 68.07  ? 16  ILE A CG1 1 
ATOM   21  C CG2 . ILE A 1 16 ? 12.115  -3.663  -2.894  1.00 51.53  ? 16  ILE A CG2 1 
ATOM   22  C CD1 . ILE A 1 16 ? 14.764  -2.993  -2.107  1.00 98.03  ? 16  ILE A CD1 1 
ATOM   23  N N   . VAL A 1 17 ? 12.011  0.631   -1.164  1.00 34.41  ? 17  VAL A N   1 
ATOM   24  C CA  . VAL A 1 17 ? 11.872  1.696   -0.173  1.00 35.73  ? 17  VAL A CA  1 
ATOM   25  C C   . VAL A 1 17 ? 10.604  2.498   -0.438  1.00 33.44  ? 17  VAL A C   1 
ATOM   26  O O   . VAL A 1 17 ? 9.901   2.906   0.493   1.00 33.61  ? 17  VAL A O   1 
ATOM   27  C CB  . VAL A 1 17 ? 13.083  2.646   -0.185  1.00 40.83  ? 17  VAL A CB  1 
ATOM   28  C CG1 . VAL A 1 17 ? 12.782  3.899   0.623   1.00 41.74  ? 17  VAL A CG1 1 
ATOM   29  C CG2 . VAL A 1 17 ? 14.324  1.934   0.355   1.00 40.80  ? 17  VAL A CG2 1 
ATOM   30  N N   . GLN A 1 18 ? 10.314  2.714   -1.718  1.00 34.77  ? 18  GLN A N   1 
ATOM   31  C CA  . GLN A 1 18 ? 9.110   3.427   -2.133  1.00 33.47  ? 18  GLN A CA  1 
ATOM   32  C C   . GLN A 1 18 ? 7.857   2.643   -1.773  1.00 36.59  ? 18  GLN A C   1 
ATOM   33  O O   . GLN A 1 18 ? 6.879   3.207   -1.286  1.00 38.79  ? 18  GLN A O   1 
ATOM   34  C CB  . GLN A 1 18 ? 9.131   3.683   -3.642  1.00 35.45  ? 18  GLN A CB  1 
ATOM   35  C CG  . GLN A 1 18 ? 7.837   4.286   -4.178  1.00 48.01  ? 18  GLN A CG  1 
ATOM   36  C CD  . GLN A 1 18 ? 7.512   5.618   -3.529  1.00 61.96  ? 18  GLN A CD  1 
ATOM   37  O OE1 . GLN A 1 18 ? 6.358   5.906   -3.209  1.00 63.39  ? 18  GLN A OE1 1 
ATOM   38  N NE2 . GLN A 1 18 ? 8.537   6.434   -3.320  1.00 48.76  ? 18  GLN A NE2 1 
ATOM   39  N N   . GLN A 1 19 ? 7.893   1.340   -2.030  1.00 42.97  ? 19  GLN A N   1 
ATOM   40  C CA  . GLN A 1 19 ? 6.777   0.461   -1.714  1.00 35.53  ? 19  GLN A CA  1 
ATOM   41  C C   . GLN A 1 19 ? 6.533   0.408   -0.205  1.00 45.05  ? 19  GLN A C   1 
ATOM   42  O O   . GLN A 1 19 ? 5.390   0.328   0.244   1.00 40.93  ? 19  GLN A O   1 
ATOM   43  C CB  . GLN A 1 19 ? 7.024   -0.942  -2.278  1.00 39.77  ? 19  GLN A CB  1 
ATOM   44  C CG  . GLN A 1 19 ? 5.936   -1.966  -1.959  1.00 39.31  ? 19  GLN A CG  1 
ATOM   45  C CD  . GLN A 1 19 ? 4.668   -1.745  -2.758  1.00 50.32  ? 19  GLN A CD  1 
ATOM   46  O OE1 . GLN A 1 19 ? 4.074   -2.695  -3.278  1.00 41.64  ? 19  GLN A OE1 1 
ATOM   47  N NE2 . GLN A 1 19 ? 4.248   -0.489  -2.871  1.00 42.21  ? 19  GLN A NE2 1 
ATOM   48  N N   . GLN A 1 20 ? 7.605   0.466   0.580   1.00 32.79  ? 20  GLN A N   1 
ATOM   49  C CA  . GLN A 1 20 ? 7.464   0.494   2.036   1.00 36.44  ? 20  GLN A CA  1 
ATOM   50  C C   . GLN A 1 20 ? 6.794   1.781   2.516   1.00 34.11  ? 20  GLN A C   1 
ATOM   51  O O   . GLN A 1 20 ? 5.960   1.756   3.424   1.00 30.96  ? 20  GLN A O   1 
ATOM   52  C CB  . GLN A 1 20 ? 8.808   0.258   2.727   1.00 36.07  ? 20  GLN A CB  1 
ATOM   53  C CG  . GLN A 1 20 ? 9.297   -1.173  2.526   1.00 44.42  ? 20  GLN A CG  1 
ATOM   54  C CD  . GLN A 1 20 ? 10.469  -1.541  3.407   1.00 47.39  ? 20  GLN A CD  1 
ATOM   55  O OE1 . GLN A 1 20 ? 10.525  -2.643  3.951   1.00 51.97  ? 20  GLN A OE1 1 
ATOM   56  N NE2 . GLN A 1 20 ? 11.414  -0.624  3.550   1.00 41.00  ? 20  GLN A NE2 1 
ATOM   57  N N   . SER A 1 21 ? 7.141   2.900   1.887   1.00 36.97  ? 21  SER A N   1 
ATOM   58  C CA  . SER A 1 21 ? 6.440   4.153   2.141   1.00 33.69  ? 21  SER A CA  1 
ATOM   59  C C   . SER A 1 21 ? 4.941   4.017   1.832   1.00 40.58  ? 21  SER A C   1 
ATOM   60  O O   . SER A 1 21 ? 4.099   4.411   2.638   1.00 38.35  ? 21  SER A O   1 
ATOM   61  C CB  . SER A 1 21 ? 7.062   5.293   1.332   1.00 31.90  ? 21  SER A CB  1 
ATOM   62  O OG  . SER A 1 21 ? 6.326   6.489   1.491   1.00 44.64  ? 21  SER A OG  1 
ATOM   63  N N   . ASN A 1 22 ? 4.618   3.447   0.671   1.00 35.54  ? 22  ASN A N   1 
ATOM   64  C CA  . ASN A 1 22 ? 3.225   3.208   0.277   1.00 39.97  ? 22  ASN A CA  1 
ATOM   65  C C   . ASN A 1 22 ? 2.442   2.413   1.324   1.00 39.51  ? 22  ASN A C   1 
ATOM   66  O O   . ASN A 1 22 ? 1.327   2.786   1.702   1.00 36.09  ? 22  ASN A O   1 
ATOM   67  C CB  . ASN A 1 22 ? 3.160   2.458   -1.060  1.00 36.05  ? 22  ASN A CB  1 
ATOM   68  C CG  . ASN A 1 22 ? 3.641   3.294   -2.236  1.00 51.73  ? 22  ASN A CG  1 
ATOM   69  O OD1 . ASN A 1 22 ? 3.646   4.522   -2.184  1.00 39.55  ? 22  ASN A OD1 1 
ATOM   70  N ND2 . ASN A 1 22 ? 4.042   2.623   -3.311  1.00 47.31  ? 22  ASN A ND2 1 
ATOM   71  N N   . LEU A 1 23 ? 3.024   1.305   1.772   1.00 33.92  ? 23  LEU A N   1 
ATOM   72  C CA  . LEU A 1 23 ? 2.372   0.435   2.748   1.00 33.73  ? 23  LEU A CA  1 
ATOM   73  C C   . LEU A 1 23 ? 2.181   1.144   4.084   1.00 41.91  ? 23  LEU A C   1 
ATOM   74  O O   . LEU A 1 23 ? 1.104   1.077   4.685   1.00 35.14  ? 23  LEU A O   1 
ATOM   75  C CB  . LEU A 1 23 ? 3.172   -0.855  2.936   1.00 29.48  ? 23  LEU A CB  1 
ATOM   76  C CG  . LEU A 1 23 ? 3.404   -1.667  1.657   1.00 43.77  ? 23  LEU A CG  1 
ATOM   77  C CD1 . LEU A 1 23 ? 4.308   -2.859  1.920   1.00 37.05  ? 23  LEU A CD1 1 
ATOM   78  C CD2 . LEU A 1 23 ? 2.082   -2.114  1.054   1.00 46.27  ? 23  LEU A CD2 1 
ATOM   79  N N   . LEU A 1 24 ? 3.225   1.827   4.542   1.00 35.94  ? 24  LEU A N   1 
ATOM   80  C CA  . LEU A 1 24 ? 3.158   2.553   5.812   1.00 38.40  ? 24  LEU A CA  1 
ATOM   81  C C   . LEU A 1 24 ? 2.010   3.557   5.792   1.00 43.46  ? 24  LEU A C   1 
ATOM   82  O O   . LEU A 1 24 ? 1.219   3.629   6.732   1.00 35.82  ? 24  LEU A O   1 
ATOM   83  C CB  . LEU A 1 24 ? 4.473   3.285   6.091   1.00 35.65  ? 24  LEU A CB  1 
ATOM   84  C CG  . LEU A 1 24 ? 4.919   3.469   7.545   1.00 46.06  ? 24  LEU A CG  1 
ATOM   85  C CD1 . LEU A 1 24 ? 5.966   4.572   7.641   1.00 40.93  ? 24  LEU A CD1 1 
ATOM   86  C CD2 . LEU A 1 24 ? 3.759   3.769   8.472   1.00 34.96  ? 24  LEU A CD2 1 
ATOM   87  N N   . ARG A 1 25 ? 1.929   4.342   4.721   1.00 36.46  ? 25  ARG A N   1 
ATOM   88  C CA  . ARG A 1 25 ? 0.879   5.348   4.607   1.00 38.42  ? 25  ARG A CA  1 
ATOM   89  C C   . ARG A 1 25 ? -0.491  4.687   4.631   1.00 38.43  ? 25  ARG A C   1 
ATOM   90  O O   . ARG A 1 25 ? -1.424  5.194   5.250   1.00 33.74  ? 25  ARG A O   1 
ATOM   91  C CB  . ARG A 1 25 ? 1.049   6.181   3.332   1.00 40.06  ? 25  ARG A CB  1 
ATOM   92  C CG  . ARG A 1 25 ? 2.049   7.323   3.464   1.00 46.07  ? 25  ARG A CG  1 
ATOM   93  C CD  . ARG A 1 25 ? 2.263   8.019   2.122   1.00 54.69  ? 25  ARG A CD  1 
ATOM   94  N NE  . ARG A 1 25 ? 3.182   7.271   1.269   1.00 69.84  ? 25  ARG A NE  1 
ATOM   95  C CZ  . ARG A 1 25 ? 3.399   7.530   -0.019  1.00 98.99  ? 25  ARG A CZ  1 
ATOM   96  N NH1 . ARG A 1 25 ? 2.755   8.524   -0.628  1.00 55.03  ? 25  ARG A NH1 1 
ATOM   97  N NH2 . ARG A 1 25 ? 4.262   6.789   -0.703  1.00 48.83  ? 25  ARG A NH2 1 
ATOM   98  N N   . ALA A 1 26 ? -0.603  3.547   3.958   1.00 39.86  ? 26  ALA A N   1 
ATOM   99  C CA  . ALA A 1 26 ? -1.857  2.814   3.925   1.00 43.93  ? 26  ALA A CA  1 
ATOM   100 C C   . ALA A 1 26 ? -2.274  2.386   5.332   1.00 39.30  ? 26  ALA A C   1 
ATOM   101 O O   . ALA A 1 26 ? -3.425  2.568   5.720   1.00 38.51  ? 26  ALA A O   1 
ATOM   102 C CB  . ALA A 1 26 ? -1.764  1.605   2.984   1.00 30.11  ? 26  ALA A CB  1 
ATOM   103 N N   . ILE A 1 27 ? -1.347  1.834   6.108   1.00 37.97  ? 27  ILE A N   1 
ATOM   104 C CA  . ILE A 1 27 ? -1.722  1.392   7.451   1.00 35.06  ? 27  ILE A CA  1 
ATOM   105 C C   . ILE A 1 27 ? -2.037  2.563   8.385   1.00 33.37  ? 27  ILE A C   1 
ATOM   106 O O   . ILE A 1 27 ? -2.864  2.431   9.291   1.00 34.38  ? 27  ILE A O   1 
ATOM   107 C CB  . ILE A 1 27 ? -0.713  0.385   8.098   1.00 44.49  ? 27  ILE A CB  1 
ATOM   108 C CG1 . ILE A 1 27 ? 0.271   1.091   9.023   1.00 48.40  ? 27  ILE A CG1 1 
ATOM   109 C CG2 . ILE A 1 27 ? -0.032  -0.497  7.051   1.00 42.63  ? 27  ILE A CG2 1 
ATOM   110 C CD1 . ILE A 1 27 ? -0.139  1.031   10.473  1.00 58.95  ? 27  ILE A CD1 1 
ATOM   111 N N   . GLU A 1 28 ? -1.394  3.708   8.162   1.00 38.75  ? 28  GLU A N   1 
ATOM   112 C CA  . GLU A 1 28 ? -1.714  4.911   8.933   1.00 39.31  ? 28  GLU A CA  1 
ATOM   113 C C   . GLU A 1 28 ? -3.135  5.377   8.628   1.00 34.09  ? 28  GLU A C   1 
ATOM   114 O O   . GLU A 1 28 ? -3.890  5.724   9.532   1.00 35.86  ? 28  GLU A O   1 
ATOM   115 C CB  . GLU A 1 28 ? -0.730  6.050   8.644   1.00 36.19  ? 28  GLU A CB  1 
ATOM   116 C CG  . GLU A 1 28 ? 0.681   5.827   9.174   1.00 52.10  ? 28  GLU A CG  1 
ATOM   117 C CD  . GLU A 1 28 ? 1.580   7.033   8.956   1.00 65.12  ? 28  GLU A CD  1 
ATOM   118 O OE1 . GLU A 1 28 ? 1.097   8.174   9.124   1.00 77.48  ? 28  GLU A OE1 1 
ATOM   119 O OE2 . GLU A 1 28 ? 2.768   6.842   8.620   1.00 51.83  ? 28  GLU A OE2 1 
ATOM   120 N N   . ALA A 1 29 ? -3.484  5.397   7.343   1.00 35.14  ? 29  ALA A N   1 
ATOM   121 C CA  . ALA A 1 29 ? -4.831  5.764   6.919   1.00 34.60  ? 29  ALA A CA  1 
ATOM   122 C C   . ALA A 1 29 ? -5.853  4.766   7.461   1.00 39.34  ? 29  ALA A C   1 
ATOM   123 O O   . ALA A 1 29 ? -6.932  5.145   7.919   1.00 35.54  ? 29  ALA A O   1 
ATOM   124 C CB  . ALA A 1 29 ? -4.906  5.832   5.406   1.00 34.03  ? 29  ALA A CB  1 
ATOM   125 N N   . GLN A 1 30 ? -5.510  3.482   7.396   1.00 33.66  ? 30  GLN A N   1 
ATOM   126 C CA  . GLN A 1 30 ? -6.372  2.439   7.933   1.00 34.50  ? 30  GLN A CA  1 
ATOM   127 C C   . GLN A 1 30 ? -6.539  2.546   9.450   1.00 34.00  ? 30  GLN A C   1 
ATOM   128 O O   . GLN A 1 30 ? -7.600  2.224   9.984   1.00 34.00  ? 30  GLN A O   1 
ATOM   129 C CB  . GLN A 1 30 ? -5.877  1.050   7.522   1.00 34.12  ? 30  GLN A CB  1 
ATOM   130 C CG  . GLN A 1 30 ? -6.215  0.708   6.075   1.00 49.39  ? 30  GLN A CG  1 
ATOM   131 C CD  . GLN A 1 30 ? -5.883  -0.726  5.713   1.00 51.25  ? 30  GLN A CD  1 
ATOM   132 O OE1 . GLN A 1 30 ? -6.573  -1.353  4.908   1.00 49.09  ? 30  GLN A OE1 1 
ATOM   133 N NE2 . GLN A 1 30 ? -4.822  -1.252  6.307   1.00 48.89  ? 30  GLN A NE2 1 
ATOM   134 N N   . GLN A 1 31 ? -5.506  3.016   10.141  1.00 29.89  ? 31  GLN A N   1 
ATOM   135 C CA  . GLN A 1 31 ? -5.626  3.271   11.576  1.00 33.01  ? 31  GLN A CA  1 
ATOM   136 C C   . GLN A 1 31 ? -6.649  4.373   11.853  1.00 39.43  ? 31  GLN A C   1 
ATOM   137 O O   . GLN A 1 31 ? -7.387  4.314   12.837  1.00 33.10  ? 31  GLN A O   1 
ATOM   138 C CB  . GLN A 1 31 ? -4.276  3.636   12.196  1.00 34.30  ? 31  GLN A CB  1 
ATOM   139 C CG  . GLN A 1 31 ? -4.338  3.926   13.702  1.00 36.52  ? 31  GLN A CG  1 
ATOM   140 C CD  . GLN A 1 31 ? -4.879  2.752   14.508  1.00 45.27  ? 31  GLN A CD  1 
ATOM   141 O OE1 . GLN A 1 31 ? -5.450  2.934   15.584  1.00 40.36  ? 31  GLN A OE1 1 
ATOM   142 N NE2 . GLN A 1 31 ? -4.706  1.545   13.987  1.00 38.96  ? 31  GLN A NE2 1 
ATOM   143 N N   . HIS A 1 32 ? -6.691  5.379   10.985  1.00 36.88  ? 32  HIS A N   1 
ATOM   144 C CA  . HIS A 1 32 ? -7.671  6.449   11.145  1.00 41.81  ? 32  HIS A CA  1 
ATOM   145 C C   . HIS A 1 32 ? -9.087  5.923   10.963  1.00 35.56  ? 32  HIS A C   1 
ATOM   146 O O   . HIS A 1 32 ? -9.989  6.292   11.713  1.00 32.65  ? 32  HIS A O   1 
ATOM   147 C CB  . HIS A 1 32 ? -7.396  7.611   10.189  1.00 36.99  ? 32  HIS A CB  1 
ATOM   148 C CG  . HIS A 1 32 ? -6.304  8.520   10.654  1.00 48.72  ? 32  HIS A CG  1 
ATOM   149 N ND1 . HIS A 1 32 ? -5.035  8.494   10.118  1.00 55.12  ? 32  HIS A ND1 1 
ATOM   150 C CD2 . HIS A 1 32 ? -6.287  9.470   11.618  1.00 55.94  ? 32  HIS A CD2 1 
ATOM   151 C CE1 . HIS A 1 32 ? -4.284  9.395   10.727  1.00 50.70  ? 32  HIS A CE1 1 
ATOM   152 N NE2 . HIS A 1 32 ? -5.018  10.002  11.640  1.00 64.16  ? 32  HIS A NE2 1 
ATOM   153 N N   . LEU A 1 33 ? -9.274  5.057   9.970   1.00 35.63  ? 33  LEU A N   1 
ATOM   154 C CA  . LEU A 1 33 ? -10.563 4.409   9.767   1.00 33.01  ? 33  LEU A CA  1 
ATOM   155 C C   . LEU A 1 33 ? -10.957 3.590   10.990  1.00 34.24  ? 33  LEU A C   1 
ATOM   156 O O   . LEU A 1 33 ? -12.104 3.636   11.430  1.00 36.28  ? 33  LEU A O   1 
ATOM   157 C CB  . LEU A 1 33 ? -10.543 3.510   8.529   1.00 34.12  ? 33  LEU A CB  1 
ATOM   158 C CG  . LEU A 1 33 ? -10.945 4.102   7.180   1.00 46.54  ? 33  LEU A CG  1 
ATOM   159 C CD1 . LEU A 1 33 ? -11.177 2.976   6.181   1.00 47.64  ? 33  LEU A CD1 1 
ATOM   160 C CD2 . LEU A 1 33 ? -12.196 4.950   7.315   1.00 47.20  ? 33  LEU A CD2 1 
ATOM   161 N N   . LEU A 1 34 ? -10.006 2.835   11.530  1.00 31.55  ? 34  LEU A N   1 
ATOM   162 C CA  . LEU A 1 34 ? -10.256 2.049   12.731  1.00 31.94  ? 34  LEU A CA  1 
ATOM   163 C C   . LEU A 1 34 ? -10.736 2.916   13.886  1.00 36.59  ? 34  LEU A C   1 
ATOM   164 O O   . LEU A 1 34 ? -11.684 2.562   14.582  1.00 39.74  ? 34  LEU A O   1 
ATOM   165 C CB  . LEU A 1 34 ? -9.004  1.276   13.148  1.00 35.72  ? 34  LEU A CB  1 
ATOM   166 C CG  . LEU A 1 34 ? -8.931  -0.156  12.629  1.00 50.52  ? 34  LEU A CG  1 
ATOM   167 C CD1 . LEU A 1 34 ? -7.568  -0.770  12.911  1.00 39.93  ? 34  LEU A CD1 1 
ATOM   168 C CD2 . LEU A 1 34 ? -10.041 -0.983  13.257  1.00 47.37  ? 34  LEU A CD2 1 
ATOM   169 N N   . GLN A 1 35 ? -10.073 4.047   14.092  1.00 35.18  ? 35  GLN A N   1 
ATOM   170 C CA  . GLN A 1 35 ? -10.467 4.968   15.151  1.00 34.09  ? 35  GLN A CA  1 
ATOM   171 C C   . GLN A 1 35 ? -11.901 5.445   14.955  1.00 37.14  ? 35  GLN A C   1 
ATOM   172 O O   . GLN A 1 35 ? -12.676 5.511   15.913  1.00 35.64  ? 35  GLN A O   1 
ATOM   173 C CB  . GLN A 1 35 ? -9.512  6.165   15.208  1.00 36.45  ? 35  GLN A CB  1 
ATOM   174 C CG  . GLN A 1 35 ? -8.085  5.786   15.562  1.00 54.45  ? 35  GLN A CG  1 
ATOM   175 C CD  . GLN A 1 35 ? -7.984  5.146   16.929  1.00 72.77  ? 35  GLN A CD  1 
ATOM   176 O OE1 . GLN A 1 35 ? -7.617  3.977   17.054  1.00 81.15  ? 35  GLN A OE1 1 
ATOM   177 N NE2 . GLN A 1 35 ? -8.322  5.906   17.965  1.00 83.40  ? 35  GLN A NE2 1 
ATOM   178 N N   . LEU A 1 36 ? -12.249 5.776   13.712  1.00 31.11  ? 36  LEU A N   1 
ATOM   179 C CA  . LEU A 1 36 ? -13.595 6.244   13.394  1.00 33.64  ? 36  LEU A CA  1 
ATOM   180 C C   . LEU A 1 36 ? -14.620 5.155   13.679  1.00 34.77  ? 36  LEU A C   1 
ATOM   181 O O   . LEU A 1 36 ? -15.701 5.422   14.194  1.00 38.02  ? 36  LEU A O   1 
ATOM   182 C CB  . LEU A 1 36 ? -13.679 6.684   11.931  1.00 34.04  ? 36  LEU A CB  1 
ATOM   183 C CG  . LEU A 1 36 ? -13.002 8.016   11.593  1.00 38.75  ? 36  LEU A CG  1 
ATOM   184 C CD1 . LEU A 1 36 ? -12.772 8.145   10.101  1.00 34.64  ? 36  LEU A CD1 1 
ATOM   185 C CD2 . LEU A 1 36 ? -13.835 9.175   12.115  1.00 38.89  ? 36  LEU A CD2 1 
ATOM   186 N N   . THR A 1 37 ? -14.265 3.920   13.346  1.00 32.25  ? 37  THR A N   1 
ATOM   187 C CA  . THR A 1 37 ? -15.141 2.781   13.598  1.00 40.55  ? 37  THR A CA  1 
ATOM   188 C C   . THR A 1 37 ? -15.307 2.543   15.109  1.00 43.85  ? 37  THR A C   1 
ATOM   189 O O   . THR A 1 37 ? -16.408 2.263   15.594  1.00 33.97  ? 37  THR A O   1 
ATOM   190 C CB  . THR A 1 37 ? -14.630 1.518   12.854  1.00 41.51  ? 37  THR A CB  1 
ATOM   191 O OG1 . THR A 1 37 ? -15.736 0.694   12.474  1.00 77.78  ? 37  THR A OG1 1 
ATOM   192 C CG2 . THR A 1 37 ? -13.659 0.722   13.706  1.00 25.74  ? 37  THR A CG2 1 
ATOM   193 N N   . VAL A 1 38 ? -14.219 2.685   15.857  1.00 33.74  ? 38  VAL A N   1 
ATOM   194 C CA  . VAL A 1 38 ? -14.289 2.577   17.312  1.00 39.10  ? 38  VAL A CA  1 
ATOM   195 C C   . VAL A 1 38 ? -15.202 3.668   17.882  1.00 45.46  ? 38  VAL A C   1 
ATOM   196 O O   . VAL A 1 38 ? -16.077 3.399   18.710  1.00 35.26  ? 38  VAL A O   1 
ATOM   197 C CB  . VAL A 1 38 ? -12.889 2.686   17.949  1.00 38.35  ? 38  VAL A CB  1 
ATOM   198 C CG1 . VAL A 1 38 ? -13.001 2.879   19.454  1.00 38.55  ? 38  VAL A CG1 1 
ATOM   199 C CG2 . VAL A 1 38 ? -12.054 1.453   17.613  1.00 37.93  ? 38  VAL A CG2 1 
ATOM   200 N N   . TRP A 1 39 ? -14.989 4.901   17.429  1.00 41.70  ? 39  TRP A N   1 
ATOM   201 C CA  . TRP A 1 39 ? -15.845 6.021   17.803  1.00 40.09  ? 39  TRP A CA  1 
ATOM   202 C C   . TRP A 1 39 ? -17.298 5.700   17.496  1.00 40.43  ? 39  TRP A C   1 
ATOM   203 O O   . TRP A 1 39 ? -18.188 5.925   18.318  1.00 38.43  ? 39  TRP A O   1 
ATOM   204 C CB  . TRP A 1 39 ? -15.432 7.284   17.047  1.00 38.70  ? 39  TRP A CB  1 
ATOM   205 C CG  . TRP A 1 39 ? -16.336 8.452   17.302  1.00 67.09  ? 39  TRP A CG  1 
ATOM   206 C CD1 . TRP A 1 39 ? -17.533 8.717   16.694  1.00 44.64  ? 39  TRP A CD1 1 
ATOM   207 C CD2 . TRP A 1 39 ? -16.117 9.515   18.235  1.00 46.85  ? 39  TRP A CD2 1 
ATOM   208 N NE1 . TRP A 1 39 ? -18.070 9.879   17.194  1.00 51.73  ? 39  TRP A NE1 1 
ATOM   209 C CE2 . TRP A 1 39 ? -17.220 10.388  18.141  1.00 49.82  ? 39  TRP A CE2 1 
ATOM   210 C CE3 . TRP A 1 39 ? -15.093 9.814   19.138  1.00 49.80  ? 39  TRP A CE3 1 
ATOM   211 C CZ2 . TRP A 1 39 ? -17.326 11.540  18.917  1.00 68.44  ? 39  TRP A CZ2 1 
ATOM   212 C CZ3 . TRP A 1 39 ? -15.201 10.959  19.908  1.00 76.78  ? 39  TRP A CZ3 1 
ATOM   213 C CH2 . TRP A 1 39 ? -16.308 11.809  19.792  1.00 65.06  ? 39  TRP A CH2 1 
ATOM   214 N N   . GLY A 1 40 ? -17.529 5.168   16.300  1.00 40.69  ? 40  GLY A N   1 
ATOM   215 C CA  . GLY A 1 40 ? -18.866 4.823   15.859  1.00 35.43  ? 40  GLY A CA  1 
ATOM   216 C C   . GLY A 1 40 ? -19.585 3.891   16.814  1.00 48.94  ? 40  GLY A C   1 
ATOM   217 O O   . GLY A 1 40 ? -20.726 4.151   17.196  1.00 42.72  ? 40  GLY A O   1 
ATOM   218 N N   . ILE A 1 41 ? -18.934 2.803   17.211  1.00 40.39  ? 41  ILE A N   1 
ATOM   219 C CA  . ILE A 1 41 ? -19.596 1.856   18.099  1.00 45.77  ? 41  ILE A CA  1 
ATOM   220 C C   . ILE A 1 41 ? -19.769 2.433   19.510  1.00 51.39  ? 41  ILE A C   1 
ATOM   221 O O   . ILE A 1 41 ? -20.798 2.215   20.152  1.00 44.44  ? 41  ILE A O   1 
ATOM   222 C CB  . ILE A 1 41 ? -18.911 0.458   18.125  1.00 43.89  ? 41  ILE A CB  1 
ATOM   223 C CG1 . ILE A 1 41 ? -18.100 0.259   19.397  1.00 55.88  ? 41  ILE A CG1 1 
ATOM   224 C CG2 . ILE A 1 41 ? -18.099 0.202   16.864  1.00 47.21  ? 41  ILE A CG2 1 
ATOM   225 C CD1 . ILE A 1 41 ? -18.835 -0.531  20.446  1.00 63.81  ? 41  ILE A CD1 1 
ATOM   226 N N   . LYS A 1 42 ? -18.778 3.185   19.984  1.00 41.19  ? 42  LYS A N   1 
ATOM   227 C CA  . LYS A 1 42 ? -18.900 3.868   21.270  1.00 49.90  ? 42  LYS A CA  1 
ATOM   228 C C   . LYS A 1 42 ? -20.120 4.784   21.282  1.00 54.54  ? 42  LYS A C   1 
ATOM   229 O O   . LYS A 1 42 ? -20.878 4.813   22.250  1.00 52.18  ? 42  LYS A O   1 
ATOM   230 C CB  . LYS A 1 42 ? -17.647 4.687   21.584  1.00 53.05  ? 42  LYS A CB  1 
ATOM   231 C CG  . LYS A 1 42 ? -16.502 3.899   22.195  1.00 54.14  ? 42  LYS A CG  1 
ATOM   232 C CD  . LYS A 1 42 ? -15.371 4.832   22.608  1.00 57.05  ? 42  LYS A CD  1 
ATOM   233 C CE  . LYS A 1 42 ? -14.148 4.055   23.078  1.00 63.76  ? 42  LYS A CE  1 
ATOM   234 N NZ  . LYS A 1 42 ? -12.964 4.936   23.297  1.00 66.48  ? 42  LYS A NZ  1 
ATOM   235 N N   . GLN A 1 43 ? -20.302 5.531   20.197  1.00 48.46  ? 43  GLN A N   1 
ATOM   236 C CA  . GLN A 1 43 ? -21.394 6.498   20.096  1.00 50.76  ? 43  GLN A CA  1 
ATOM   237 C C   . GLN A 1 43 ? -22.728 5.875   19.685  1.00 54.62  ? 43  GLN A C   1 
ATOM   238 O O   . GLN A 1 43 ? -23.751 6.558   19.646  1.00 58.58  ? 43  GLN A O   1 
ATOM   239 C CB  . GLN A 1 43 ? -21.023 7.628   19.128  1.00 47.44  ? 43  GLN A CB  1 
ATOM   240 C CG  . GLN A 1 43 ? -20.599 8.922   19.812  1.00 79.07  ? 43  GLN A CG  1 
ATOM   241 C CD  . GLN A 1 43 ? -19.554 8.708   20.892  1.00 74.74  ? 43  GLN A CD  1 
ATOM   242 O OE1 . GLN A 1 43 ? -18.468 8.188   20.631  1.00 66.59  ? 43  GLN A OE1 1 
ATOM   243 N NE2 . GLN A 1 43 ? -19.875 9.119   22.114  1.00 56.88  ? 43  GLN A NE2 1 
ATOM   244 N N   . GLY A 1 44 ? -22.716 4.582   19.379  1.00 68.62  ? 44  GLY A N   1 
ATOM   245 C CA  . GLY A 1 44 ? -23.918 3.906   18.922  1.00 46.30  ? 44  GLY A CA  1 
ATOM   246 C C   . GLY A 1 44 ? -24.307 4.354   17.526  1.00 65.35  ? 44  GLY A C   1 
ATOM   247 O O   . GLY A 1 44 ? -25.468 4.246   17.127  1.00 67.56  ? 44  GLY A O   1 
ATOM   248 N N   . GLY A 1 45 ? -23.328 4.857   16.781  1.00 51.95  ? 45  GLY A N   1 
ATOM   249 C CA  . GLY A 1 45 ? -23.552 5.327   15.426  1.00 58.74  ? 45  GLY A CA  1 
ATOM   250 C C   . GLY A 1 45 ? -22.882 6.665   15.183  1.00 57.47  ? 45  GLY A C   1 
ATOM   251 O O   . GLY A 1 45 ? -22.428 7.322   16.121  1.00 68.43  ? 45  GLY A O   1 
ATOM   252 N N   . GLY A 1 46 ? -22.818 7.074   13.923  1.00 66.20  ? 46  GLY A N   1 
ATOM   253 C CA  . GLY A 1 46 ? -22.210 8.345   13.580  1.00 63.74  ? 46  GLY A CA  1 
ATOM   254 C C   . GLY A 1 46 ? -23.066 9.179   12.647  1.00 69.17  ? 46  GLY A C   1 
ATOM   255 O O   . GLY A 1 46 ? -23.822 8.643   11.836  1.00 55.69  ? 46  GLY A O   1 
ATOM   256 N N   . GLY A 1 47 ? -22.941 10.497  12.760  1.00 62.70  ? 47  GLY A N   1 
ATOM   257 C CA  . GLY A 1 47 ? -23.687 11.405  11.908  1.00 55.35  ? 47  GLY A CA  1 
ATOM   258 C C   . GLY A 1 47 ? -23.118 11.494  10.505  1.00 54.34  ? 47  GLY A C   1 
ATOM   259 O O   . GLY A 1 47 ? -22.355 10.627  10.075  1.00 47.70  ? 47  GLY A O   1 
ATOM   260 N N   . SER A 1 48 ? -23.487 12.553  9.791   1.00 50.55  ? 48  SER A N   1 
ATOM   261 C CA  . SER A 1 48 ? -23.003 12.770  8.434   1.00 65.16  ? 48  SER A CA  1 
ATOM   262 C C   . SER A 1 48 ? -21.503 13.073  8.409   1.00 42.44  ? 48  SER A C   1 
ATOM   263 O O   . SER A 1 48 ? -20.799 12.652  7.493   1.00 48.14  ? 48  SER A O   1 
ATOM   264 C CB  . SER A 1 48 ? -23.794 13.894  7.756   1.00 52.16  ? 48  SER A CB  1 
ATOM   265 O OG  . SER A 1 48 ? -23.693 15.100  8.488   1.00 68.26  ? 48  SER A OG  1 
ATOM   266 N N   . GLU A 1 49 ? -21.024 13.801  9.415   1.00 39.17  ? 49  GLU A N   1 
ATOM   267 C CA  . GLU A 1 49 ? -19.604 14.116  9.531   1.00 46.44  ? 49  GLU A CA  1 
ATOM   268 C C   . GLU A 1 49 ? -18.765 12.846  9.678   1.00 41.66  ? 49  GLU A C   1 
ATOM   269 O O   . GLU A 1 49 ? -17.709 12.704  9.059   1.00 41.71  ? 49  GLU A O   1 
ATOM   270 C CB  . GLU A 1 49 ? -19.356 15.044  10.723  1.00 47.12  ? 49  GLU A CB  1 
ATOM   271 C CG  . GLU A 1 49 ? -17.890 15.333  10.980  1.00 40.39  ? 49  GLU A CG  1 
ATOM   272 C CD  . GLU A 1 49 ? -17.191 15.899  9.759   1.00 61.89  ? 49  GLU A CD  1 
ATOM   273 O OE1 . GLU A 1 49 ? -17.878 16.504  8.908   1.00 60.17  ? 49  GLU A OE1 1 
ATOM   274 O OE2 . GLU A 1 49 ? -15.957 15.738  9.649   1.00 64.30  ? 49  GLU A OE2 1 
ATOM   275 N N   . TRP A 1 50 ? -19.245 11.934  10.513  1.00 39.30  ? 50  TRP A N   1 
ATOM   276 C CA  . TRP A 1 50 ? -18.620 10.630  10.679  1.00 36.18  ? 50  TRP A CA  1 
ATOM   277 C C   . TRP A 1 50 ? -18.527 9.921   9.325   1.00 41.18  ? 50  TRP A C   1 
ATOM   278 O O   . TRP A 1 50 ? -17.467 9.414   8.953   1.00 33.58  ? 50  TRP A O   1 
ATOM   279 C CB  . TRP A 1 50 ? -19.417 9.802   11.693  1.00 40.81  ? 50  TRP A CB  1 
ATOM   280 C CG  . TRP A 1 50 ? -18.896 8.420   11.912  1.00 41.36  ? 50  TRP A CG  1 
ATOM   281 C CD1 . TRP A 1 50 ? -17.860 8.047   12.725  1.00 36.95  ? 50  TRP A CD1 1 
ATOM   282 C CD2 . TRP A 1 50 ? -19.392 7.217   11.317  1.00 42.98  ? 50  TRP A CD2 1 
ATOM   283 N NE1 . TRP A 1 50 ? -17.682 6.683   12.668  1.00 37.72  ? 50  TRP A NE1 1 
ATOM   284 C CE2 . TRP A 1 50 ? -18.608 6.152   11.808  1.00 43.08  ? 50  TRP A CE2 1 
ATOM   285 C CE3 . TRP A 1 50 ? -20.423 6.937   10.413  1.00 52.83  ? 50  TRP A CE3 1 
ATOM   286 C CZ2 . TRP A 1 50 ? -18.821 4.830   11.424  1.00 39.55  ? 50  TRP A CZ2 1 
ATOM   287 C CZ3 . TRP A 1 50 ? -20.634 5.624   10.036  1.00 45.93  ? 50  TRP A CZ3 1 
ATOM   288 C CH2 . TRP A 1 50 ? -19.835 4.588   10.538  1.00 55.54  ? 50  TRP A CH2 1 
ATOM   289 N N   . GLU A 1 51 ? -19.628 9.914   8.576   1.00 36.99  ? 51  GLU A N   1 
ATOM   290 C CA  . GLU A 1 51 ? -19.640 9.315   7.239   1.00 42.28  ? 51  GLU A CA  1 
ATOM   291 C C   . GLU A 1 51 ? -18.713 10.038  6.266   1.00 40.54  ? 51  GLU A C   1 
ATOM   292 O O   . GLU A 1 51 ? -18.113 9.416   5.392   1.00 43.45  ? 51  GLU A O   1 
ATOM   293 C CB  . GLU A 1 51 ? -21.059 9.281   6.663   1.00 35.53  ? 51  GLU A CB  1 
ATOM   294 C CG  . GLU A 1 51 ? -22.044 8.485   7.507   1.00 70.28  ? 51  GLU A CG  1 
ATOM   295 C CD  . GLU A 1 51 ? -23.295 8.099   6.742   1.00 69.71  ? 51  GLU A CD  1 
ATOM   296 O OE1 . GLU A 1 51 ? -23.434 8.517   5.572   1.00 84.71  ? 51  GLU A OE1 1 
ATOM   297 O OE2 . GLU A 1 51 ? -24.139 7.376   7.311   1.00 67.54  ? 51  GLU A OE2 1 
ATOM   298 N N   . ARG A 1 52 ? -18.605 11.353  6.414   1.00 33.20  ? 52  ARG A N   1 
ATOM   299 C CA  . ARG A 1 52 ? -17.750 12.143  5.538   1.00 40.73  ? 52  ARG A CA  1 
ATOM   300 C C   . ARG A 1 52 ? -16.284 11.755  5.727   1.00 34.04  ? 52  ARG A C   1 
ATOM   301 O O   . ARG A 1 52 ? -15.553 11.551  4.758   1.00 38.41  ? 52  ARG A O   1 
ATOM   302 C CB  . ARG A 1 52 ? -17.944 13.639  5.812   1.00 45.17  ? 52  ARG A CB  1 
ATOM   303 C CG  . ARG A 1 52 ? -17.292 14.545  4.781   1.00 48.70  ? 52  ARG A CG  1 
ATOM   304 C CD  . ARG A 1 52 ? -17.336 16.003  5.212   1.00 46.69  ? 52  ARG A CD  1 
ATOM   305 N NE  . ARG A 1 52 ? -16.491 16.247  6.375   1.00 55.84  ? 52  ARG A NE  1 
ATOM   306 C CZ  . ARG A 1 52 ? -15.182 16.465  6.311   1.00 61.99  ? 52  ARG A CZ  1 
ATOM   307 N NH1 . ARG A 1 52 ? -14.567 16.472  5.135   1.00 58.74  ? 52  ARG A NH1 1 
ATOM   308 N NH2 . ARG A 1 52 ? -14.487 16.676  7.421   1.00 61.30  ? 52  ARG A NH2 1 
ATOM   309 N N   . GLU A 1 53 ? -15.863 11.654  6.982   1.00 31.50  ? 53  GLU A N   1 
ATOM   310 C CA  . GLU A 1 53 ? -14.490 11.292  7.301   1.00 38.60  ? 53  GLU A CA  1 
ATOM   311 C C   . GLU A 1 53 ? -14.181 9.856   6.876   1.00 38.04  ? 53  GLU A C   1 
ATOM   312 O O   . GLU A 1 53 ? -13.113 9.583   6.329   1.00 37.38  ? 53  GLU A O   1 
ATOM   313 C CB  . GLU A 1 53 ? -14.216 11.509  8.792   1.00 32.22  ? 53  GLU A CB  1 
ATOM   314 C CG  . GLU A 1 53 ? -14.363 12.970  9.214   1.00 50.33  ? 53  GLU A CG  1 
ATOM   315 C CD  . GLU A 1 53 ? -14.045 13.211  10.680  1.00 67.47  ? 53  GLU A CD  1 
ATOM   316 O OE1 . GLU A 1 53 ? -13.571 12.273  11.351  1.00 54.32  ? 53  GLU A OE1 1 
ATOM   317 O OE2 . GLU A 1 53 ? -14.267 14.345  11.160  1.00 62.18  ? 53  GLU A OE2 1 
ATOM   318 N N   . ILE A 1 54 ? -15.118 8.945   7.116   1.00 31.64  ? 54  ILE A N   1 
ATOM   319 C CA  . ILE A 1 54 ? -14.966 7.570   6.655   1.00 38.17  ? 54  ILE A CA  1 
ATOM   320 C C   . ILE A 1 54 ? -14.701 7.570   5.154   1.00 45.38  ? 54  ILE A C   1 
ATOM   321 O O   . ILE A 1 54 ? -13.751 6.950   4.678   1.00 38.04  ? 54  ILE A O   1 
ATOM   322 C CB  . ILE A 1 54 ? -16.228 6.724   6.941   1.00 41.22  ? 54  ILE A CB  1 
ATOM   323 C CG1 . ILE A 1 54 ? -16.372 6.445   8.443   1.00 41.36  ? 54  ILE A CG1 1 
ATOM   324 C CG2 . ILE A 1 54 ? -16.183 5.421   6.163   1.00 33.47  ? 54  ILE A CG2 1 
ATOM   325 C CD1 . ILE A 1 54 ? -15.322 5.512   9.003   1.00 47.79  ? 54  ILE A CD1 1 
ATOM   326 N N   . SER A 1 55 ? -15.544 8.284   4.414   1.00 37.15  ? 55  SER A N   1 
ATOM   327 C CA  . SER A 1 55 ? -15.419 8.361   2.961   1.00 40.58  ? 55  SER A CA  1 
ATOM   328 C C   . SER A 1 55 ? -14.069 8.929   2.531   1.00 40.07  ? 55  SER A C   1 
ATOM   329 O O   . SER A 1 55 ? -13.425 8.399   1.628   1.00 41.25  ? 55  SER A O   1 
ATOM   330 C CB  . SER A 1 55 ? -16.550 9.206   2.373   1.00 42.32  ? 55  SER A CB  1 
ATOM   331 O OG  . SER A 1 55 ? -16.428 9.294   0.967   1.00 59.25  ? 55  SER A OG  1 
ATOM   332 N N   . ASN A 1 56 ? -13.651 10.011  3.179   1.00 41.01  ? 56  ASN A N   1 
ATOM   333 C CA  . ASN A 1 56 ? -12.383 10.653  2.860   1.00 34.90  ? 56  ASN A CA  1 
ATOM   334 C C   . ASN A 1 56 ? -11.192 9.708   3.031   1.00 44.40  ? 56  ASN A C   1 
ATOM   335 O O   . ASN A 1 56 ? -10.323 9.617   2.163   1.00 41.37  ? 56  ASN A O   1 
ATOM   336 C CB  . ASN A 1 56 ? -12.179 11.895  3.729   1.00 38.28  ? 56  ASN A CB  1 
ATOM   337 C CG  . ASN A 1 56 ? -13.065 13.058  3.315   1.00 57.16  ? 56  ASN A CG  1 
ATOM   338 O OD1 . ASN A 1 56 ? -13.186 14.046  4.038   1.00 51.90  ? 56  ASN A OD1 1 
ATOM   339 N ND2 . ASN A 1 56 ? -13.688 12.947  2.146   1.00 38.49  ? 56  ASN A ND2 1 
ATOM   340 N N   . TYR A 1 57 ? -11.146 9.015   4.162   1.00 41.37  ? 57  TYR A N   1 
ATOM   341 C CA  . TYR A 1 57 ? -10.037 8.113   4.434   1.00 31.81  ? 57  TYR A CA  1 
ATOM   342 C C   . TYR A 1 57 ? -10.099 6.885   3.540   1.00 34.59  ? 57  TYR A C   1 
ATOM   343 O O   . TYR A 1 57 ? -9.070  6.373   3.109   1.00 42.28  ? 57  TYR A O   1 
ATOM   344 C CB  . TYR A 1 57 ? -9.997  7.717   5.913   1.00 38.28  ? 57  TYR A CB  1 
ATOM   345 C CG  . TYR A 1 57 ? -9.292  8.737   6.778   1.00 45.87  ? 57  TYR A CG  1 
ATOM   346 C CD1 . TYR A 1 57 ? -7.912  8.895   6.710   1.00 37.91  ? 57  TYR A CD1 1 
ATOM   347 C CD2 . TYR A 1 57 ? -10.001 9.542   7.660   1.00 42.30  ? 57  TYR A CD2 1 
ATOM   348 C CE1 . TYR A 1 57 ? -7.258  9.829   7.497   1.00 48.63  ? 57  TYR A CE1 1 
ATOM   349 C CE2 . TYR A 1 57 ? -9.354  10.477  8.454   1.00 44.50  ? 57  TYR A CE2 1 
ATOM   350 C CZ  . TYR A 1 57 ? -7.985  10.617  8.366   1.00 51.71  ? 57  TYR A CZ  1 
ATOM   351 O OH  . TYR A 1 57 ? -7.337  11.546  9.150   1.00 63.35  ? 57  TYR A OH  1 
ATOM   352 N N   . THR A 1 58 ? -11.309 6.417   3.254   1.00 33.87  ? 58  THR A N   1 
ATOM   353 C CA  . THR A 1 58 ? -11.471 5.293   2.339   1.00 38.11  ? 58  THR A CA  1 
ATOM   354 C C   . THR A 1 58 ? -10.871 5.637   0.973   1.00 51.85  ? 58  THR A C   1 
ATOM   355 O O   . THR A 1 58 ? -10.149 4.832   0.385   1.00 40.94  ? 58  THR A O   1 
ATOM   356 C CB  . THR A 1 58 ? -12.948 4.886   2.200   1.00 38.51  ? 58  THR A CB  1 
ATOM   357 O OG1 . THR A 1 58 ? -13.438 4.444   3.472   1.00 52.80  ? 58  THR A OG1 1 
ATOM   358 C CG2 . THR A 1 58 ? -13.109 3.757   1.186   1.00 33.63  ? 58  THR A CG2 1 
ATOM   359 N N   . ASP A 1 59 ? -11.157 6.839   0.483   1.00 44.21  ? 59  ASP A N   1 
ATOM   360 C CA  . ASP A 1 59 ? -10.607 7.300   -0.791  1.00 40.45  ? 59  ASP A CA  1 
ATOM   361 C C   . ASP A 1 59 ? -9.081  7.296   -0.774  1.00 37.38  ? 59  ASP A C   1 
ATOM   362 O O   . ASP A 1 59 ? -8.444  6.811   -1.707  1.00 43.26  ? 59  ASP A O   1 
ATOM   363 C CB  . ASP A 1 59 ? -11.121 8.704   -1.133  1.00 46.39  ? 59  ASP A CB  1 
ATOM   364 C CG  . ASP A 1 59 ? -12.552 8.692   -1.645  1.00 81.32  ? 59  ASP A CG  1 
ATOM   365 O OD1 . ASP A 1 59 ? -12.997 7.638   -2.146  1.00 64.55  ? 59  ASP A OD1 1 
ATOM   366 O OD2 . ASP A 1 59 ? -13.232 9.738   -1.549  1.00 66.58  ? 59  ASP A OD2 1 
ATOM   367 N N   . ILE A 1 60 ? -8.505  7.853   0.288   1.00 38.90  ? 60  ILE A N   1 
ATOM   368 C CA  . ILE A 1 60 ? -7.057  7.871   0.459   1.00 40.57  ? 60  ILE A CA  1 
ATOM   369 C C   . ILE A 1 60 ? -6.482  6.452   0.432   1.00 46.22  ? 60  ILE A C   1 
ATOM   370 O O   . ILE A 1 60 ? -5.477  6.185   -0.229  1.00 38.29  ? 60  ILE A O   1 
ATOM   371 C CB  . ILE A 1 60 ? -6.661  8.563   1.785   1.00 37.20  ? 60  ILE A CB  1 
ATOM   372 C CG1 . ILE A 1 60 ? -6.968  10.063  1.715   1.00 42.06  ? 60  ILE A CG1 1 
ATOM   373 C CG2 . ILE A 1 60 ? -5.191  8.336   2.092   1.00 39.54  ? 60  ILE A CG2 1 
ATOM   374 C CD1 . ILE A 1 60 ? -6.763  10.792  3.024   1.00 39.84  ? 60  ILE A CD1 1 
ATOM   375 N N   . ILE A 1 61 ? -7.131  5.542   1.147   1.00 36.97  ? 61  ILE A N   1 
ATOM   376 C CA  . ILE A 1 61 ? -6.650  4.169   1.251   1.00 34.06  ? 61  ILE A CA  1 
ATOM   377 C C   . ILE A 1 61 ? -6.691  3.434   -0.090  1.00 35.85  ? 61  ILE A C   1 
ATOM   378 O O   . ILE A 1 61 ? -5.764  2.698   -0.433  1.00 38.11  ? 61  ILE A O   1 
ATOM   379 C CB  . ILE A 1 61 ? -7.440  3.383   2.306   1.00 41.18  ? 61  ILE A CB  1 
ATOM   380 C CG1 . ILE A 1 61 ? -7.172  3.967   3.695   1.00 43.13  ? 61  ILE A CG1 1 
ATOM   381 C CG2 . ILE A 1 61 ? -7.071  1.906   2.261   1.00 46.60  ? 61  ILE A CG2 1 
ATOM   382 C CD1 . ILE A 1 61 ? -8.159  3.521   4.748   1.00 48.41  ? 61  ILE A CD1 1 
ATOM   383 N N   . TYR A 1 62 ? -7.756  3.634   -0.853  1.00 36.36  ? 62  TYR A N   1 
ATOM   384 C CA  . TYR A 1 62 ? -7.853  2.979   -2.152  1.00 48.10  ? 62  TYR A CA  1 
ATOM   385 C C   . TYR A 1 62 ? -6.829  3.508   -3.155  1.00 45.32  ? 62  TYR A C   1 
ATOM   386 O O   . TYR A 1 62 ? -6.327  2.757   -3.987  1.00 41.75  ? 62  TYR A O   1 
ATOM   387 C CB  . TYR A 1 62 ? -9.277  3.050   -2.707  1.00 45.48  ? 62  TYR A CB  1 
ATOM   388 C CG  . TYR A 1 62 ? -10.178 1.981   -2.128  1.00 73.26  ? 62  TYR A CG  1 
ATOM   389 C CD1 . TYR A 1 62 ? -11.101 2.282   -1.137  1.00 70.03  ? 62  TYR A CD1 1 
ATOM   390 C CD2 . TYR A 1 62 ? -10.086 0.662   -2.555  1.00 76.35  ? 62  TYR A CD2 1 
ATOM   391 C CE1 . TYR A 1 62 ? -11.919 1.304   -0.601  1.00 59.40  ? 62  TYR A CE1 1 
ATOM   392 C CE2 . TYR A 1 62 ? -10.902 -0.323  -2.024  1.00 97.81  ? 62  TYR A CE2 1 
ATOM   393 C CZ  . TYR A 1 62 ? -11.817 0.005   -1.046  1.00 88.41  ? 62  TYR A CZ  1 
ATOM   394 O OH  . TYR A 1 62 ? -12.633 -0.966  -0.510  1.00 107.59 ? 62  TYR A OH  1 
ATOM   395 N N   . ARG A 1 63 ? -6.508  4.794   -3.066  1.00 41.98  ? 63  ARG A N   1 
ATOM   396 C CA  . ARG A 1 63 ? -5.470  5.361   -3.913  1.00 47.71  ? 63  ARG A CA  1 
ATOM   397 C C   . ARG A 1 63 ? -4.104  4.783   -3.536  1.00 43.21  ? 63  ARG A C   1 
ATOM   398 O O   . ARG A 1 63 ? -3.288  4.472   -4.405  1.00 39.09  ? 63  ARG A O   1 
ATOM   399 C CB  . ARG A 1 63 ? -5.448  6.888   -3.808  1.00 40.29  ? 63  ARG A CB  1 
ATOM   400 C CG  . ARG A 1 63 ? -6.739  7.579   -4.229  1.00 69.71  ? 63  ARG A CG  1 
ATOM   401 C CD  . ARG A 1 63 ? -7.111  7.288   -5.678  1.00 87.56  ? 63  ARG A CD  1 
ATOM   402 N NE  . ARG A 1 63 ? -7.938  6.091   -5.807  1.00 103.78 ? 63  ARG A NE  1 
ATOM   403 C CZ  . ARG A 1 63 ? -8.652  5.788   -6.888  1.00 100.95 ? 63  ARG A CZ  1 
ATOM   404 N NH1 . ARG A 1 63 ? -8.643  6.598   -7.939  1.00 104.10 ? 63  ARG A NH1 1 
ATOM   405 N NH2 . ARG A 1 63 ? -9.377  4.679   -6.917  1.00 93.39  ? 63  ARG A NH2 1 
ATOM   406 N N   . LEU A 1 64 ? -3.861  4.636   -2.238  1.00 34.13  ? 64  LEU A N   1 
ATOM   407 C CA  . LEU A 1 64 ? -2.597  4.073   -1.771  1.00 37.15  ? 64  LEU A CA  1 
ATOM   408 C C   . LEU A 1 64 ? -2.477  2.602   -2.161  1.00 42.29  ? 64  LEU A C   1 
ATOM   409 O O   . LEU A 1 64 ? -1.404  2.135   -2.552  1.00 36.98  ? 64  LEU A O   1 
ATOM   410 C CB  . LEU A 1 64 ? -2.456  4.242   -0.257  1.00 32.88  ? 64  LEU A CB  1 
ATOM   411 C CG  . LEU A 1 64 ? -2.239  5.678   0.226   1.00 49.91  ? 64  LEU A CG  1 
ATOM   412 C CD1 . LEU A 1 64 ? -2.444  5.785   1.733   1.00 40.94  ? 64  LEU A CD1 1 
ATOM   413 C CD2 . LEU A 1 64 ? -0.855  6.181   -0.176  1.00 43.09  ? 64  LEU A CD2 1 
ATOM   414 N N   . ILE A 1 65 ? -3.582  1.875   -2.055  1.00 37.13  ? 65  ILE A N   1 
ATOM   415 C CA  . ILE A 1 65 ? -3.592  0.469   -2.431  1.00 45.08  ? 65  ILE A CA  1 
ATOM   416 C C   . ILE A 1 65 ? -3.332  0.315   -3.926  1.00 44.35  ? 65  ILE A C   1 
ATOM   417 O O   . ILE A 1 65 ? -2.558  -0.546  -4.343  1.00 42.24  ? 65  ILE A O   1 
ATOM   418 C CB  . ILE A 1 65 ? -4.908  -0.221  -2.026  1.00 46.19  ? 65  ILE A CB  1 
ATOM   419 C CG1 . ILE A 1 65 ? -4.916  -0.475  -0.515  1.00 49.36  ? 65  ILE A CG1 1 
ATOM   420 C CG2 . ILE A 1 65 ? -5.083  -1.535  -2.778  1.00 37.69  ? 65  ILE A CG2 1 
ATOM   421 C CD1 . ILE A 1 65 ? -6.179  -1.137  0.006   1.00 34.53  ? 65  ILE A CD1 1 
ATOM   422 N N   . GLU A 1 66 ? -3.970  1.164   -4.728  1.00 40.74  ? 66  GLU A N   1 
ATOM   423 C CA  . GLU A 1 66 ? -3.766  1.148   -6.171  1.00 42.43  ? 66  GLU A CA  1 
ATOM   424 C C   . GLU A 1 66 ? -2.310  1.436   -6.526  1.00 40.80  ? 66  GLU A C   1 
ATOM   425 O O   . GLU A 1 66 ? -1.711  0.735   -7.336  1.00 36.97  ? 66  GLU A O   1 
ATOM   426 C CB  . GLU A 1 66 ? -4.679  2.166   -6.857  1.00 38.59  ? 66  GLU A CB  1 
ATOM   427 C CG  . GLU A 1 66 ? -4.412  2.323   -8.345  1.00 62.66  ? 66  GLU A CG  1 
ATOM   428 C CD  . GLU A 1 66 ? -5.270  3.395   -8.986  1.00 95.05  ? 66  GLU A CD  1 
ATOM   429 O OE1 . GLU A 1 66 ? -5.390  4.495   -8.404  1.00 99.84  ? 66  GLU A OE1 1 
ATOM   430 O OE2 . GLU A 1 66 ? -5.820  3.140   -10.078 1.00 80.05  ? 66  GLU A OE2 1 
ATOM   431 N N   . GLU A 1 67 ? -1.747  2.476   -5.918  1.00 39.73  ? 67  GLU A N   1 
ATOM   432 C CA  . GLU A 1 67 ? -0.353  2.834   -6.151  1.00 41.67  ? 67  GLU A CA  1 
ATOM   433 C C   . GLU A 1 67 ? 0.599   1.720   -5.710  1.00 40.13  ? 67  GLU A C   1 
ATOM   434 O O   . GLU A 1 67 ? 1.625   1.483   -6.345  1.00 36.90  ? 67  GLU A O   1 
ATOM   435 C CB  . GLU A 1 67 ? -0.012  4.144   -5.435  1.00 40.17  ? 67  GLU A CB  1 
ATOM   436 C CG  . GLU A 1 67 ? 1.393   4.641   -5.702  1.00 61.11  ? 67  GLU A CG  1 
ATOM   437 C CD  . GLU A 1 67 ? 1.669   4.839   -7.181  1.00 70.78  ? 67  GLU A CD  1 
ATOM   438 O OE1 . GLU A 1 67 ? 0.729   5.198   -7.923  1.00 71.23  ? 67  GLU A OE1 1 
ATOM   439 O OE2 . GLU A 1 67 ? 2.827   4.636   -7.599  1.00 64.45  ? 67  GLU A OE2 1 
ATOM   440 N N   . SER A 1 68 ? 0.251   1.035   -4.623  1.00 39.31  ? 68  SER A N   1 
ATOM   441 C CA  . SER A 1 68 ? 1.073   -0.061  -4.113  1.00 34.42  ? 68  SER A CA  1 
ATOM   442 C C   . SER A 1 68 ? 1.032   -1.274  -5.041  1.00 34.78  ? 68  SER A C   1 
ATOM   443 O O   . SER A 1 68 ? 2.044   -1.944  -5.249  1.00 34.93  ? 68  SER A O   1 
ATOM   444 C CB  . SER A 1 68 ? 0.629   -0.459  -2.703  1.00 34.01  ? 68  SER A CB  1 
ATOM   445 O OG  . SER A 1 68 ? 0.847   0.602   -1.788  1.00 46.06  ? 68  SER A OG  1 
ATOM   446 N N   . GLN A 1 69 ? -0.140  -1.555  -5.599  1.00 32.88  ? 69  GLN A N   1 
ATOM   447 C CA  . GLN A 1 69 ? -0.263  -2.646  -6.555  1.00 43.46  ? 69  GLN A CA  1 
ATOM   448 C C   . GLN A 1 69 ? 0.584   -2.364  -7.792  1.00 39.22  ? 69  GLN A C   1 
ATOM   449 O O   . GLN A 1 69 ? 1.277   -3.245  -8.297  1.00 39.87  ? 69  GLN A O   1 
ATOM   450 C CB  . GLN A 1 69 ? -1.726  -2.873  -6.930  1.00 38.96  ? 69  GLN A CB  1 
ATOM   451 C CG  . GLN A 1 69 ? -2.537  -3.521  -5.815  1.00 41.87  ? 69  GLN A CG  1 
ATOM   452 C CD  . GLN A 1 69 ? -4.022  -3.531  -6.100  1.00 59.98  ? 69  GLN A CD  1 
ATOM   453 O OE1 . GLN A 1 69 ? -4.773  -4.302  -5.503  1.00 56.48  ? 69  GLN A OE1 1 
ATOM   454 N NE2 . GLN A 1 69 ? -4.458  -2.670  -7.015  1.00 51.06  ? 69  GLN A NE2 1 
ATOM   455 N N   . ASN A 1 70 ? 0.538   -1.124  -8.265  1.00 37.09  ? 70  ASN A N   1 
ATOM   456 C CA  . ASN A 1 70 ? 1.350   -0.715  -9.403  1.00 37.23  ? 70  ASN A CA  1 
ATOM   457 C C   . ASN A 1 70 ? 2.837   -0.845  -9.109  1.00 39.67  ? 70  ASN A C   1 
ATOM   458 O O   . ASN A 1 70 ? 3.594   -1.392  -9.911  1.00 41.31  ? 70  ASN A O   1 
ATOM   459 C CB  . ASN A 1 70 ? 1.016   0.722   -9.813  1.00 42.11  ? 70  ASN A CB  1 
ATOM   460 C CG  . ASN A 1 70 ? -0.306  0.825   -10.550 1.00 66.42  ? 70  ASN A CG  1 
ATOM   461 O OD1 . ASN A 1 70 ? -0.832  -0.170  -11.050 1.00 64.03  ? 70  ASN A OD1 1 
ATOM   462 N ND2 . ASN A 1 70 ? -0.849  2.034   -10.624 1.00 67.73  ? 70  ASN A ND2 1 
ATOM   463 N N   . GLN A 1 71 ? 3.254   -0.342  -7.952  1.00 41.82  ? 71  GLN A N   1 
ATOM   464 C CA  . GLN A 1 71 ? 4.649   -0.437  -7.545  1.00 37.96  ? 71  GLN A CA  1 
ATOM   465 C C   . GLN A 1 71 ? 5.082   -1.893  -7.372  1.00 39.75  ? 71  GLN A C   1 
ATOM   466 O O   . GLN A 1 71 ? 6.208   -2.263  -7.718  1.00 34.89  ? 71  GLN A O   1 
ATOM   467 C CB  . GLN A 1 71 ? 4.886   0.338   -6.253  1.00 34.59  ? 71  GLN A CB  1 
ATOM   468 C CG  . GLN A 1 71 ? 6.349   0.473   -5.904  1.00 43.58  ? 71  GLN A CG  1 
ATOM   469 C CD  . GLN A 1 71 ? 7.105   1.264   -6.948  1.00 48.35  ? 71  GLN A CD  1 
ATOM   470 O OE1 . GLN A 1 71 ? 6.736   2.392   -7.270  1.00 48.18  ? 71  GLN A OE1 1 
ATOM   471 N NE2 . GLN A 1 71 ? 8.170   0.678   -7.484  1.00 46.06  ? 71  GLN A NE2 1 
ATOM   472 N N   . GLN A 1 72 ? 4.189   -2.717  -6.834  1.00 33.18  ? 72  GLN A N   1 
ATOM   473 C CA  . GLN A 1 72 ? 4.474   -4.143  -6.687  1.00 41.75  ? 72  GLN A CA  1 
ATOM   474 C C   . GLN A 1 72 ? 4.792   -4.786  -8.038  1.00 41.78  ? 72  GLN A C   1 
ATOM   475 O O   . GLN A 1 72 ? 5.744   -5.559  -8.161  1.00 34.37  ? 72  GLN A O   1 
ATOM   476 C CB  . GLN A 1 72 ? 3.305   -4.872  -6.015  1.00 35.18  ? 72  GLN A CB  1 
ATOM   477 C CG  . GLN A 1 72 ? 3.579   -6.343  -5.710  1.00 37.43  ? 72  GLN A CG  1 
ATOM   478 C CD  . GLN A 1 72 ? 4.706   -6.533  -4.704  1.00 38.22  ? 72  GLN A CD  1 
ATOM   479 O OE1 . GLN A 1 72 ? 5.383   -7.563  -4.692  1.00 44.94  ? 72  GLN A OE1 1 
ATOM   480 N NE2 . GLN A 1 72 ? 4.916   -5.534  -3.861  1.00 32.56  ? 72  GLN A NE2 1 
ATOM   481 N N   . GLU A 1 73 ? 3.990   -4.463  -9.049  1.00 40.50  ? 73  GLU A N   1 
ATOM   482 C CA  . GLU A 1 73 ? 4.201   -5.002  -10.394 1.00 47.35  ? 73  GLU A CA  1 
ATOM   483 C C   . GLU A 1 73 ? 5.564   -4.586  -10.965 1.00 42.14  ? 73  GLU A C   1 
ATOM   484 O O   . GLU A 1 73 ? 6.281   -5.403  -11.534 1.00 34.58  ? 73  GLU A O   1 
ATOM   485 C CB  . GLU A 1 73 ? 3.067   -4.567  -11.328 1.00 45.64  ? 73  GLU A CB  1 
ATOM   486 C CG  . GLU A 1 73 ? 3.322   -4.853  -12.799 1.00 66.14  ? 73  GLU A CG  1 
ATOM   487 C CD  . GLU A 1 73 ? 3.313   -6.335  -13.122 1.00 76.37  ? 73  GLU A CD  1 
ATOM   488 O OE1 . GLU A 1 73 ? 2.719   -7.114  -12.347 1.00 58.15  ? 73  GLU A OE1 1 
ATOM   489 O OE2 . GLU A 1 73 ? 3.896   -6.721  -14.158 1.00 76.45  ? 73  GLU A OE2 1 
ATOM   490 N N   . LYS A 1 74 ? 5.920   -3.316  -10.801 1.00 34.82  ? 74  LYS A N   1 
ATOM   491 C CA  . LYS A 1 74 ? 7.221   -2.828  -11.254 1.00 37.37  ? 74  LYS A CA  1 
ATOM   492 C C   . LYS A 1 74 ? 8.388   -3.495  -10.524 1.00 43.02  ? 74  LYS A C   1 
ATOM   493 O O   . LYS A 1 74 ? 9.395   -3.834  -11.143 1.00 40.23  ? 74  LYS A O   1 
ATOM   494 C CB  . LYS A 1 74 ? 7.313   -1.306  -11.107 1.00 42.57  ? 74  LYS A CB  1 
ATOM   495 C CG  . LYS A 1 74 ? 6.254   -0.534  -11.883 1.00 56.18  ? 74  LYS A CG  1 
ATOM   496 C CD  . LYS A 1 74 ? 6.410   0.968   -11.683 1.00 68.12  ? 74  LYS A CD  1 
ATOM   497 C CE  . LYS A 1 74 ? 5.295   1.744   -12.367 1.00 79.24  ? 74  LYS A CE  1 
ATOM   498 N NZ  . LYS A 1 74 ? 5.426   3.210   -12.144 1.00 78.83  ? 74  LYS A NZ  1 
ATOM   499 N N   . ASN A 1 75 ? 8.257   -3.671  -9.211  1.00 39.38  ? 75  ASN A N   1 
ATOM   500 C CA  . ASN A 1 75 ? 9.296   -4.334  -8.421  1.00 36.15  ? 75  ASN A CA  1 
ATOM   501 C C   . ASN A 1 75 ? 9.510   -5.779  -8.871  1.00 35.56  ? 75  ASN A C   1 
ATOM   502 O O   . ASN A 1 75 ? 10.639  -6.270  -8.916  1.00 37.61  ? 75  ASN A O   1 
ATOM   503 C CB  . ASN A 1 75 ? 8.950   -4.318  -6.922  1.00 32.94  ? 75  ASN A CB  1 
ATOM   504 C CG  . ASN A 1 75 ? 9.035   -2.930  -6.305  1.00 43.58  ? 75  ASN A CG  1 
ATOM   505 O OD1 . ASN A 1 75 ? 8.706   -2.746  -5.134  1.00 41.24  ? 75  ASN A OD1 1 
ATOM   506 N ND2 . ASN A 1 75 ? 9.471   -1.952  -7.086  1.00 33.03  ? 75  ASN A ND2 1 
ATOM   507 N N   . GLU A 1 76 ? 8.420   -6.463  -9.201  1.00 31.78  ? 76  GLU A N   1 
ATOM   508 C CA  . GLU A 1 76 ? 8.511   -7.860  -9.621  1.00 37.58  ? 76  GLU A CA  1 
ATOM   509 C C   . GLU A 1 76 ? 9.156   -7.991  -10.997 1.00 36.82  ? 76  GLU A C   1 
ATOM   510 O O   . GLU A 1 76 ? 9.935   -8.914  -11.240 1.00 37.07  ? 76  GLU A O   1 
ATOM   511 C CB  . GLU A 1 76 ? 7.138   -8.533  -9.567  1.00 33.42  ? 76  GLU A CB  1 
ATOM   512 C CG  . GLU A 1 76 ? 6.726   -8.882  -8.139  1.00 42.01  ? 76  GLU A CG  1 
ATOM   513 C CD  . GLU A 1 76 ? 5.259   -9.237  -8.003  1.00 51.54  ? 76  GLU A CD  1 
ATOM   514 O OE1 . GLU A 1 76 ? 4.559   -9.311  -9.036  1.00 55.56  ? 76  GLU A OE1 1 
ATOM   515 O OE2 . GLU A 1 76 ? 4.808   -9.439  -6.857  1.00 45.71  ? 76  GLU A OE2 1 
ATOM   516 N N   . GLN A 1 77 ? 8.841   -7.055  -11.885 1.00 37.92  ? 77  GLN A N   1 
ATOM   517 C CA  . GLN A 1 77 ? 9.487   -6.992  -13.190 1.00 45.42  ? 77  GLN A CA  1 
ATOM   518 C C   . GLN A 1 77 ? 10.992  -6.787  -13.044 1.00 38.53  ? 77  GLN A C   1 
ATOM   519 O O   . GLN A 1 77 ? 11.790  -7.484  -13.672 1.00 39.83  ? 77  GLN A O   1 
ATOM   520 C CB  . GLN A 1 77 ? 8.879   -5.874  -14.041 1.00 38.00  ? 77  GLN A CB  1 
ATOM   521 C CG  . GLN A 1 77 ? 7.504   -6.219  -14.593 1.00 52.97  ? 77  GLN A CG  1 
ATOM   522 C CD  . GLN A 1 77 ? 6.975   -5.171  -15.553 1.00 94.07  ? 77  GLN A CD  1 
ATOM   523 O OE1 . GLN A 1 77 ? 7.732   -4.356  -16.081 1.00 71.99  ? 77  GLN A OE1 1 
ATOM   524 N NE2 . GLN A 1 77 ? 5.666   -5.190  -15.785 1.00 65.32  ? 77  GLN A NE2 1 
ATOM   525 N N   . GLU A 1 78 ? 11.377  -5.830  -12.204 1.00 37.84  ? 78  GLU A N   1 
ATOM   526 C CA  . GLU A 1 78 ? 12.785  -5.558  -11.965 1.00 43.01  ? 78  GLU A CA  1 
ATOM   527 C C   . GLU A 1 78 ? 13.477  -6.796  -11.403 1.00 38.76  ? 78  GLU A C   1 
ATOM   528 O O   . GLU A 1 78 ? 14.586  -7.137  -11.811 1.00 46.66  ? 78  GLU A O   1 
ATOM   529 C CB  . GLU A 1 78 ? 12.949  -4.370  -11.014 1.00 44.33  ? 78  GLU A CB  1 
ATOM   530 C CG  . GLU A 1 78 ? 14.375  -3.853  -10.911 1.00 63.48  ? 78  GLU A CG  1 
ATOM   531 C CD  . GLU A 1 78 ? 14.487  -2.630  -10.016 1.00 102.14 ? 78  GLU A CD  1 
ATOM   532 O OE1 . GLU A 1 78 ? 13.544  -2.370  -9.239  1.00 87.37  ? 78  GLU A OE1 1 
ATOM   533 O OE2 . GLU A 1 78 ? 15.520  -1.929  -10.089 1.00 100.84 ? 78  GLU A OE2 1 
ATOM   534 N N   . LEU A 1 79 ? 12.811  -7.461  -10.463 1.00 40.69  ? 79  LEU A N   1 
ATOM   535 C CA  . LEU A 1 79 ? 13.307  -8.710  -9.891  1.00 35.45  ? 79  LEU A CA  1 
ATOM   536 C C   . LEU A 1 79 ? 13.503  -9.776  -10.975 1.00 35.17  ? 79  LEU A C   1 
ATOM   537 O O   . LEU A 1 79 ? 14.535  -10.444 -11.024 1.00 41.71  ? 79  LEU A O   1 
ATOM   538 C CB  . LEU A 1 79 ? 12.323  -9.233  -8.843  1.00 42.17  ? 79  LEU A CB  1 
ATOM   539 C CG  . LEU A 1 79 ? 12.855  -10.082 -7.684  1.00 50.35  ? 79  LEU A CG  1 
ATOM   540 C CD1 . LEU A 1 79 ? 11.748  -10.971 -7.140  1.00 47.24  ? 79  LEU A CD1 1 
ATOM   541 C CD2 . LEU A 1 79 ? 14.057  -10.919 -8.088  1.00 69.98  ? 79  LEU A CD2 1 
ATOM   542 N N   . LEU A 1 80 ? 12.502  -9.937  -11.836 1.00 38.10  ? 80  LEU A N   1 
ATOM   543 C CA  . LEU A 1 80 ? 12.574  -10.923 -12.911 1.00 38.82  ? 80  LEU A CA  1 
ATOM   544 C C   . LEU A 1 80 ? 13.753  -10.644 -13.840 1.00 36.87  ? 80  LEU A C   1 
ATOM   545 O O   . LEU A 1 80 ? 14.483  -11.559 -14.221 1.00 36.39  ? 80  LEU A O   1 
ATOM   546 C CB  . LEU A 1 80 ? 11.264  -10.953 -13.713 1.00 36.19  ? 80  LEU A CB  1 
ATOM   547 C CG  . LEU A 1 80 ? 10.053  -11.569 -13.006 1.00 47.83  ? 80  LEU A CG  1 
ATOM   548 C CD1 . LEU A 1 80 ? 8.769   -11.332 -13.795 1.00 39.72  ? 80  LEU A CD1 1 
ATOM   549 C CD2 . LEU A 1 80 ? 10.274  -13.053 -12.765 1.00 43.01  ? 80  LEU A CD2 1 
ATOM   550 N N   . ALA A 1 81 ? 13.929  -9.376  -14.198 1.00 39.26  ? 81  ALA A N   1 
ATOM   551 C CA  . ALA A 1 81 ? 15.021  -8.965  -15.070 1.00 47.68  ? 81  ALA A CA  1 
ATOM   552 C C   . ALA A 1 81 ? 16.372  -9.201  -14.395 1.00 49.82  ? 81  ALA A C   1 
ATOM   553 O O   . ALA A 1 81 ? 17.290  -9.754  -15.000 1.00 45.05  ? 81  ALA A O   1 
ATOM   554 C CB  . ALA A 1 81 ? 14.861  -7.493  -15.470 1.00 36.19  ? 81  ALA A CB  1 
ATOM   555 N N   . LEU A 1 82 ? 16.484  -8.790  -13.136 1.00 43.54  ? 82  LEU A N   1 
ATOM   556 C CA  . LEU A 1 82 ? 17.714  -8.974  -12.378 1.00 45.18  ? 82  LEU A CA  1 
ATOM   557 C C   . LEU A 1 82 ? 18.046  -10.458 -12.232 1.00 51.12  ? 82  LEU A C   1 
ATOM   558 O O   . LEU A 1 82 ? 19.195  -10.868 -12.406 1.00 46.41  ? 82  LEU A O   1 
ATOM   559 C CB  . LEU A 1 82 ? 17.597  -8.308  -11.003 1.00 47.90  ? 82  LEU A CB  1 
ATOM   560 C CG  . LEU A 1 82 ? 18.796  -8.375  -10.052 1.00 76.10  ? 82  LEU A CG  1 
ATOM   561 C CD1 . LEU A 1 82 ? 18.823  -9.686  -9.269  1.00 81.81  ? 82  LEU A CD1 1 
ATOM   562 C CD2 . LEU A 1 82 ? 20.103  -8.151  -10.805 1.00 76.93  ? 82  LEU A CD2 1 
ATOM   563 N N   . ASP A 1 83 ? 17.030  -11.255 -11.915 1.00 44.53  ? 83  ASP A N   1 
ATOM   564 C CA  . ASP A 1 83 ? 17.189  -12.702 -11.788 1.00 47.58  ? 83  ASP A CA  1 
ATOM   565 C C   . ASP A 1 83 ? 17.695  -13.318 -13.083 1.00 51.79  ? 83  ASP A C   1 
ATOM   566 O O   . ASP A 1 83 ? 18.565  -14.187 -13.072 1.00 60.17  ? 83  ASP A O   1 
ATOM   567 C CB  . ASP A 1 83 ? 15.861  -13.355 -11.416 1.00 46.74  ? 83  ASP A CB  1 
ATOM   568 C CG  . ASP A 1 83 ? 16.001  -14.840 -11.151 1.00 51.17  ? 83  ASP A CG  1 
ATOM   569 O OD1 . ASP A 1 83 ? 16.826  -15.213 -10.293 1.00 63.94  ? 83  ASP A OD1 1 
ATOM   570 O OD2 . ASP A 1 83 ? 15.282  -15.633 -11.795 1.00 54.00  ? 83  ASP A OD2 1 
ATOM   571 N N   . LYS A 1 84 ? 17.134  -12.870 -14.200 1.00 47.78  ? 84  LYS A N   1 
ATOM   572 C CA  . LYS A 1 84 ? 17.519  -13.386 -15.506 1.00 53.64  ? 84  LYS A CA  1 
ATOM   573 C C   . LYS A 1 84 ? 18.953  -12.977 -15.840 1.00 57.95  ? 84  LYS A C   1 
ATOM   574 O O   . LYS A 1 84 ? 19.734  -13.778 -16.344 1.00 61.58  ? 84  LYS A O   1 
ATOM   575 C CB  . LYS A 1 84 ? 16.552  -12.883 -16.577 1.00 48.92  ? 84  LYS A CB  1 
ATOM   576 C CG  . LYS A 1 84 ? 16.357  -13.843 -17.743 1.00 71.33  ? 84  LYS A CG  1 
ATOM   577 C CD  . LYS A 1 84 ? 17.256  -13.499 -18.913 1.00 78.28  ? 84  LYS A CD  1 
ATOM   578 C CE  . LYS A 1 84 ? 16.874  -12.156 -19.514 1.00 79.25  ? 84  LYS A CE  1 
ATOM   579 N NZ  . LYS A 1 84 ? 17.445  -11.969 -20.878 1.00 77.71  ? 84  LYS A NZ  1 
ATOM   580 N N   . TRP A 1 85 ? 19.287  -11.724 -15.551 1.00 59.90  ? 85  TRP A N   1 
ATOM   581 C CA  . TRP A 1 85 ? 20.629  -11.202 -15.788 1.00 65.66  ? 85  TRP A CA  1 
ATOM   582 C C   . TRP A 1 85 ? 21.662  -11.986 -14.985 1.00 63.11  ? 85  TRP A C   1 
ATOM   583 O O   . TRP A 1 85 ? 22.739  -12.310 -15.486 1.00 57.31  ? 85  TRP A O   1 
ATOM   584 C CB  . TRP A 1 85 ? 20.682  -9.713  -15.427 1.00 57.62  ? 85  TRP A CB  1 
ATOM   585 C CG  . TRP A 1 85 ? 22.067  -9.162  -15.228 1.00 97.56  ? 85  TRP A CG  1 
ATOM   586 C CD1 . TRP A 1 85 ? 22.859  -8.568  -16.170 1.00 95.06  ? 85  TRP A CD1 1 
ATOM   587 C CD2 . TRP A 1 85 ? 22.816  -9.137  -14.002 1.00 90.93  ? 85  TRP A CD2 1 
ATOM   588 N NE1 . TRP A 1 85 ? 24.054  -8.182  -15.609 1.00 90.58  ? 85  TRP A NE1 1 
ATOM   589 C CE2 . TRP A 1 85 ? 24.053  -8.520  -14.282 1.00 94.94  ? 85  TRP A CE2 1 
ATOM   590 C CE3 . TRP A 1 85 ? 22.562  -9.581  -12.701 1.00 90.50  ? 85  TRP A CE3 1 
ATOM   591 C CZ2 . TRP A 1 85 ? 25.033  -8.337  -13.306 1.00 81.64  ? 85  TRP A CZ2 1 
ATOM   592 C CZ3 . TRP A 1 85 ? 23.537  -9.396  -11.733 1.00 88.81  ? 85  TRP A CZ3 1 
ATOM   593 C CH2 . TRP A 1 85 ? 24.756  -8.780  -12.041 1.00 88.47  ? 85  TRP A CH2 1 
ATOM   594 N N   . ALA A 1 86 ? 21.319  -12.300 -13.741 1.00 60.74  ? 86  ALA A N   1 
ATOM   595 C CA  . ALA A 1 86 ? 22.225  -13.027 -12.861 1.00 65.53  ? 86  ALA A CA  1 
ATOM   596 C C   . ALA A 1 86 ? 22.383  -14.486 -13.285 1.00 66.07  ? 86  ALA A C   1 
ATOM   597 O O   . ALA A 1 86 ? 23.462  -15.064 -13.150 1.00 75.21  ? 86  ALA A O   1 
ATOM   598 C CB  . ALA A 1 86 ? 21.751  -12.935 -11.417 1.00 61.08  ? 86  ALA A CB  1 
ATOM   599 N N   . SER A 1 87 ? 21.311  -15.076 -13.804 1.00 57.17  ? 87  SER A N   1 
ATOM   600 C CA  . SER A 1 87 ? 21.341  -16.479 -14.212 1.00 72.77  ? 87  SER A CA  1 
ATOM   601 C C   . SER A 1 87 ? 22.106  -16.677 -15.520 1.00 71.07  ? 87  SER A C   1 
ATOM   602 O O   . SER A 1 87 ? 22.567  -17.780 -15.817 1.00 85.13  ? 87  SER A O   1 
ATOM   603 C CB  . SER A 1 87 ? 19.925  -17.040 -14.338 1.00 50.72  ? 87  SER A CB  1 
ATOM   604 O OG  . SER A 1 87 ? 19.256  -16.498 -15.463 1.00 81.33  ? 87  SER A OG  1 
ATOM   605 N N   . LEU A 1 88 ? 22.230  -15.608 -16.300 1.00 63.52  ? 88  LEU A N   1 
ATOM   606 C CA  . LEU A 1 88 ? 23.021  -15.640 -17.525 1.00 68.52  ? 88  LEU A CA  1 
ATOM   607 C C   . LEU A 1 88 ? 24.503  -15.537 -17.192 1.00 79.70  ? 88  LEU A C   1 
ATOM   608 O O   . LEU A 1 88 ? 25.332  -16.232 -17.780 1.00 75.92  ? 88  LEU A O   1 
ATOM   609 C CB  . LEU A 1 88 ? 22.610  -14.504 -18.467 1.00 66.54  ? 88  LEU A CB  1 
ATOM   610 C CG  . LEU A 1 88 ? 21.303  -14.694 -19.240 1.00 81.92  ? 88  LEU A CG  1 
ATOM   611 C CD1 . LEU A 1 88 ? 20.918  -13.420 -19.973 1.00 82.41  ? 88  LEU A CD1 1 
ATOM   612 C CD2 . LEU A 1 88 ? 21.414  -15.862 -20.210 1.00 83.90  ? 88  LEU A CD2 1 
ATOM   613 N N   . TRP A 1 89 ? 24.829  -14.665 -16.241 1.00 76.38  ? 89  TRP A N   1 
ATOM   614 C CA  . TRP A 1 89 ? 26.198  -14.526 -15.763 1.00 71.30  ? 89  TRP A CA  1 
ATOM   615 C C   . TRP A 1 89 ? 26.581  -15.732 -14.911 1.00 97.22  ? 89  TRP A C   1 
ATOM   616 O O   . TRP A 1 89 ? 27.707  -15.828 -14.421 1.00 115.68 ? 89  TRP A O   1 
ATOM   617 C CB  . TRP A 1 89 ? 26.357  -13.237 -14.974 1.00 55.62  ? 89  TRP A CB  1 
ATOM   618 N N   . ASN A 1 90 ? 25.633  -16.646 -14.736 1.00 85.97  ? 90  ASN A N   1 
ATOM   619 C CA  . ASN A 1 90 ? 25.889  -17.894 -14.031 1.00 96.03  ? 90  ASN A CA  1 
ATOM   620 C C   . ASN A 1 90 ? 26.383  -18.947 -15.016 1.00 91.01  ? 90  ASN A C   1 
ATOM   621 O O   . ASN A 1 90 ? 27.419  -19.577 -14.803 1.00 98.07  ? 90  ASN A O   1 
ATOM   622 C CB  . ASN A 1 90 ? 24.630  -18.375 -13.325 1.00 74.40  ? 90  ASN A CB  1 
ATOM   623 N N   . TRP A 1 91 ? 25.632  -19.123 -16.100 1.00 84.28  ? 91  TRP A N   1 
ATOM   624 C CA  . TRP A 1 91 ? 25.982  -20.088 -17.137 1.00 97.94  ? 91  TRP A CA  1 
ATOM   625 C C   . TRP A 1 91 ? 27.283  -19.707 -17.837 1.00 100.65 ? 91  TRP A C   1 
ATOM   626 O O   . TRP A 1 91 ? 28.122  -20.563 -18.118 1.00 94.45  ? 91  TRP A O   1 
ATOM   627 C CB  . TRP A 1 91 ? 24.850  -20.208 -18.147 1.00 89.88  ? 91  TRP A CB  1 
ATOM   628 N N   . PHE A 1 92 ? 27.445  -18.416 -18.112 1.00 101.19 ? 92  PHE A N   1 
ATOM   629 C CA  . PHE A 1 92 ? 28.625  -17.918 -18.808 1.00 99.86  ? 92  PHE A CA  1 
ATOM   630 C C   . PHE A 1 92 ? 29.895  -18.083 -17.976 1.00 105.65 ? 92  PHE A C   1 
ATOM   631 O O   . PHE A 1 92 ? 31.002  -17.871 -18.471 1.00 109.16 ? 92  PHE A O   1 
ATOM   632 C CB  . PHE A 1 92 ? 28.432  -16.459 -19.200 1.00 69.11  ? 92  PHE A CB  1 
ATOM   633 N N   . ASP A 1 93 ? 29.730  -18.465 -16.714 1.00 101.99 ? 93  ASP A N   1 
ATOM   634 C CA  . ASP A 1 93 ? 30.864  -18.633 -15.813 1.00 90.02  ? 93  ASP A CA  1 
ATOM   635 C C   . ASP A 1 93 ? 31.260  -20.100 -15.669 1.00 110.26 ? 93  ASP A C   1 
ATOM   636 O O   . ASP A 1 93 ? 31.383  -20.612 -14.556 1.00 113.74 ? 93  ASP A O   1 
ATOM   637 C CB  . ASP A 1 93 ? 30.554  -18.028 -14.452 1.00 89.90  ? 93  ASP A CB  1 
ATOM   638 N N   . ILE A 1 94 ? 31.459  -20.771 -16.799 1.00 101.46 ? 94  ILE A N   1 
ATOM   639 C CA  . ILE A 1 94 ? 31.871  -22.171 -16.798 1.00 99.87  ? 94  ILE A CA  1 
ATOM   640 C C   . ILE A 1 94 ? 32.709  -22.504 -18.028 1.00 103.69 ? 94  ILE A C   1 
ATOM   641 O O   . ILE A 1 94 ? 32.686  -21.782 -19.024 1.00 94.37  ? 94  ILE A O   1 
ATOM   642 C CB  . ILE A 1 94 ? 30.655  -23.085 -16.714 1.00 89.44  ? 94  ILE A CB  1 
HETATM 643 O O   . HOH B 2 .  ? -21.707 12.502  4.741   1.00 57.32  ? 109 HOH A O   1 
HETATM 644 O O   . HOH B 2 .  ? -0.848  2.544   -14.245 1.00 72.07  ? 110 HOH A O   1 
HETATM 645 O O   . HOH B 2 .  ? 0.411   4.404   -10.540 1.00 80.26  ? 111 HOH A O   1 
HETATM 646 O O   . HOH B 2 .  ? -20.201 4.041   24.838  1.00 69.73  ? 112 HOH A O   1 
HETATM 647 O O   . HOH B 2 .  ? 4.316   8.173   6.632   1.00 62.68  ? 113 HOH A O   1 
HETATM 648 O O   . HOH B 2 .  ? -15.792 9.007   -2.430  1.00 74.79  ? 114 HOH A O   1 
HETATM 649 O O   . HOH B 2 .  ? 4.832   3.776   -5.836  1.00 42.22  ? 115 HOH A O   1 
HETATM 650 O O   . HOH B 2 .  ? 5.501   6.704   4.698   1.00 67.68  ? 117 HOH A O   1 
HETATM 651 O O   . HOH B 2 .  ? 19.549  -1.169  -6.916  1.00 85.68  ? 118 HOH A O   1 
HETATM 652 O O   . HOH B 2 .  ? 6.198   8.897   -0.957  1.00 70.30  ? 119 HOH A O   1 
HETATM 653 O O   . HOH B 2 .  ? 8.012   8.111   3.064   1.00 56.65  ? 120 HOH A O   1 
HETATM 654 O O   . HOH B 2 .  ? -2.437  4.372   -11.038 1.00 62.06  ? 121 HOH A O   1 
HETATM 655 O O   . HOH B 2 .  ? 11.913  1.907   3.854   1.00 36.88  ? 122 HOH A O   1 
HETATM 656 O O   . HOH B 2 .  ? 0.585   9.911   0.334   1.00 60.87  ? 123 HOH A O   1 
HETATM 657 O O   . HOH B 2 .  ? 10.011  2.508   -8.975  1.00 61.81  ? 124 HOH A O   1 
HETATM 658 O O   . HOH B 2 .  ? 17.362  0.035   -8.199  1.00 89.10  ? 125 HOH A O   1 
HETATM 659 O O   . HOH B 2 .  ? 29.979  -21.987 -19.554 1.00 73.43  ? 126 HOH A O   1 
HETATM 660 O O   . HOH B 2 .  ? 26.323  -21.903 -20.218 1.00 83.95  ? 127 HOH A O   1 
HETATM 661 O O   . HOH B 2 .  ? 13.712  -14.946 -13.923 1.00 50.50  ? 128 HOH A O   1 
# 
loop_
_pdbx_poly_seq_scheme.asym_id 
_pdbx_poly_seq_scheme.entity_id 
_pdbx_poly_seq_scheme.seq_id 
_pdbx_poly_seq_scheme.mon_id 
_pdbx_poly_seq_scheme.ndb_seq_num 
_pdbx_poly_seq_scheme.pdb_seq_num 
_pdbx_poly_seq_scheme.auth_seq_num 
_pdbx_poly_seq_scheme.pdb_mon_id 
_pdbx_poly_seq_scheme.auth_mon_id 
_pdbx_poly_seq_scheme.pdb_strand_id 
_pdbx_poly_seq_scheme.pdb_ins_code 
_pdbx_poly_seq_scheme.hetero 
A 1 1   MET 1   1   ?  ?   ?   A . n 
A 1 2   ALA 2   2   ?  ?   ?   A . n 
A 1 3   SER 3   3   ?  ?   ?   A . n 
A 1 4   MET 4   4   ?  ?   ?   A . n 
A 1 5   THR 5   5   ?  ?   ?   A . n 
A 1 6   GLY 6   6   ?  ?   ?   A . n 
A 1 7   GLY 7   7   ?  ?   ?   A . n 
A 1 8   GLN 8   8   ?  ?   ?   A . n 
A 1 9   GLN 9   9   ?  ?   ?   A . n 
A 1 10  MET 10  10  ?  ?   ?   A . n 
A 1 11  GLY 11  11  ?  ?   ?   A . n 
A 1 12  ARG 12  12  ?  ?   ?   A . n 
A 1 13  GLY 13  13  13 GLY GLY A . n 
A 1 14  SER 14  14  14 SER SER A . n 
A 1 15  GLY 15  15  15 GLY GLY A . n 
A 1 16  ILE 16  16  16 ILE ILE A . n 
A 1 17  VAL 17  17  17 VAL VAL A . n 
A 1 18  GLN 18  18  18 GLN GLN A . n 
A 1 19  GLN 19  19  19 GLN GLN A . n 
A 1 20  GLN 20  20  20 GLN GLN A . n 
A 1 21  SER 21  21  21 SER SER A . n 
A 1 22  ASN 22  22  22 ASN ASN A . n 
A 1 23  LEU 23  23  23 LEU LEU A . n 
A 1 24  LEU 24  24  24 LEU LEU A . n 
A 1 25  ARG 25  25  25 ARG ARG A . n 
A 1 26  ALA 26  26  26 ALA ALA A . n 
A 1 27  ILE 27  27  27 ILE ILE A . n 
A 1 28  GLU 28  28  28 GLU GLU A . n 
A 1 29  ALA 29  29  29 ALA ALA A . n 
A 1 30  GLN 30  30  30 GLN GLN A . n 
A 1 31  GLN 31  31  31 GLN GLN A . n 
A 1 32  HIS 32  32  32 HIS HIS A . n 
A 1 33  LEU 33  33  33 LEU LEU A . n 
A 1 34  LEU 34  34  34 LEU LEU A . n 
A 1 35  GLN 35  35  35 GLN GLN A . n 
A 1 36  LEU 36  36  36 LEU LEU A . n 
A 1 37  THR 37  37  37 THR THR A . n 
A 1 38  VAL 38  38  38 VAL VAL A . n 
A 1 39  TRP 39  39  39 TRP TRP A . n 
A 1 40  GLY 40  40  40 GLY GLY A . n 
A 1 41  ILE 41  41  41 ILE ILE A . n 
A 1 42  LYS 42  42  42 LYS LYS A . n 
A 1 43  GLN 43  43  43 GLN GLN A . n 
A 1 44  GLY 44  44  44 GLY GLY A . n 
A 1 45  GLY 45  45  45 GLY GLY A . n 
A 1 46  GLY 46  46  46 GLY GLY A . n 
A 1 47  GLY 47  47  47 GLY GLY A . n 
A 1 48  SER 48  48  48 SER SER A . n 
A 1 49  GLU 49  49  49 GLU GLU A . n 
A 1 50  TRP 50  50  50 TRP TRP A . n 
A 1 51  GLU 51  51  51 GLU GLU A . n 
A 1 52  ARG 52  52  52 ARG ARG A . n 
A 1 53  GLU 53  53  53 GLU GLU A . n 
A 1 54  ILE 54  54  54 ILE ILE A . n 
A 1 55  SER 55  55  55 SER SER A . n 
A 1 56  ASN 56  56  56 ASN ASN A . n 
A 1 57  TYR 57  57  57 TYR TYR A . n 
A 1 58  THR 58  58  58 THR THR A . n 
A 1 59  ASP 59  59  59 ASP ASP A . n 
A 1 60  ILE 60  60  60 ILE ILE A . n 
A 1 61  ILE 61  61  61 ILE ILE A . n 
A 1 62  TYR 62  62  62 TYR TYR A . n 
A 1 63  ARG 63  63  63 ARG ARG A . n 
A 1 64  LEU 64  64  64 LEU LEU A . n 
A 1 65  ILE 65  65  65 ILE ILE A . n 
A 1 66  GLU 66  66  66 GLU GLU A . n 
A 1 67  GLU 67  67  67 GLU GLU A . n 
A 1 68  SER 68  68  68 SER SER A . n 
A 1 69  GLN 69  69  69 GLN GLN A . n 
A 1 70  ASN 70  70  70 ASN ASN A . n 
A 1 71  GLN 71  71  71 GLN GLN A . n 
A 1 72  GLN 72  72  72 GLN GLN A . n 
A 1 73  GLU 73  73  73 GLU GLU A . n 
A 1 74  LYS 74  74  74 LYS LYS A . n 
A 1 75  ASN 75  75  75 ASN ASN A . n 
A 1 76  GLU 76  76  76 GLU GLU A . n 
A 1 77  GLN 77  77  77 GLN GLN A . n 
A 1 78  GLU 78  78  78 GLU GLU A . n 
A 1 79  LEU 79  79  79 LEU LEU A . n 
A 1 80  LEU 80  80  80 LEU LEU A . n 
A 1 81  ALA 81  81  81 ALA ALA A . n 
A 1 82  LEU 82  82  82 LEU LEU A . n 
A 1 83  ASP 83  83  83 ASP ASP A . n 
A 1 84  LYS 84  84  84 LYS LYS A . n 
A 1 85  TRP 85  85  85 TRP TRP A . n 
A 1 86  ALA 86  86  86 ALA ALA A . n 
A 1 87  SER 87  87  87 SER SER A . n 
A 1 88  LEU 88  88  88 LEU LEU A . n 
A 1 89  TRP 89  89  89 TRP ALA A . n 
A 1 90  ASN 90  90  90 ASN ALA A . n 
A 1 91  TRP 91  91  91 TRP ALA A . n 
A 1 92  PHE 92  92  92 PHE ALA A . n 
A 1 93  ASP 93  93  93 ASP ALA A . n 
A 1 94  ILE 94  94  94 ILE ALA A . n 
A 1 95  THR 95  95  ?  ?   ?   A . n 
A 1 96  ASN 96  96  ?  ?   ?   A . n 
A 1 97  TRP 97  97  ?  ?   ?   A . n 
A 1 98  LEU 98  98  ?  ?   ?   A . n 
A 1 99  TRP 99  99  ?  ?   ?   A . n 
A 1 100 TYR 100 100 ?  ?   ?   A . n 
A 1 101 ILE 101 101 ?  ?   ?   A . n 
A 1 102 GLN 102 102 ?  ?   ?   A . n 
A 1 103 HIS 103 103 ?  ?   ?   A . n 
A 1 104 HIS 104 104 ?  ?   ?   A . n 
A 1 105 HIS 105 105 ?  ?   ?   A . n 
A 1 106 HIS 106 106 ?  ?   ?   A . n 
A 1 107 HIS 107 107 ?  ?   ?   A . n 
A 1 108 HIS 108 108 ?  ?   ?   A . n 
# 
loop_
_pdbx_nonpoly_scheme.asym_id 
_pdbx_nonpoly_scheme.entity_id 
_pdbx_nonpoly_scheme.mon_id 
_pdbx_nonpoly_scheme.ndb_seq_num 
_pdbx_nonpoly_scheme.pdb_seq_num 
_pdbx_nonpoly_scheme.auth_seq_num 
_pdbx_nonpoly_scheme.pdb_mon_id 
_pdbx_nonpoly_scheme.auth_mon_id 
_pdbx_nonpoly_scheme.pdb_strand_id 
_pdbx_nonpoly_scheme.pdb_ins_code 
B 2 HOH 1  109 1  HOH HOH A . 
B 2 HOH 2  110 2  HOH HOH A . 
B 2 HOH 3  111 3  HOH HOH A . 
B 2 HOH 4  112 4  HOH HOH A . 
B 2 HOH 5  113 5  HOH HOH A . 
B 2 HOH 6  114 6  HOH HOH A . 
B 2 HOH 7  115 7  HOH HOH A . 
B 2 HOH 8  117 9  HOH HOH A . 
B 2 HOH 9  118 11 HOH HOH A . 
B 2 HOH 10 119 12 HOH HOH A . 
B 2 HOH 11 120 13 HOH HOH A . 
B 2 HOH 12 121 14 HOH HOH A . 
B 2 HOH 13 122 16 HOH HOH A . 
B 2 HOH 14 123 17 HOH HOH A . 
B 2 HOH 15 124 18 HOH HOH A . 
B 2 HOH 16 125 19 HOH HOH A . 
B 2 HOH 17 126 20 HOH HOH A . 
B 2 HOH 18 127 21 HOH HOH A . 
B 2 HOH 19 128 22 HOH HOH A . 
# 
_pdbx_struct_assembly.id                   1 
_pdbx_struct_assembly.details              author_and_software_defined_assembly 
_pdbx_struct_assembly.method_details       PISA 
_pdbx_struct_assembly.oligomeric_details   trimeric 
_pdbx_struct_assembly.oligomeric_count     3 
# 
_pdbx_struct_assembly_gen.assembly_id       1 
_pdbx_struct_assembly_gen.oper_expression   1,2,3 
_pdbx_struct_assembly_gen.asym_id_list      A,B 
# 
loop_
_pdbx_struct_assembly_prop.biol_id 
_pdbx_struct_assembly_prop.type 
_pdbx_struct_assembly_prop.value 
_pdbx_struct_assembly_prop.details 
1 'ABSA (A^2)' 5490  ? 
1 MORE         -49   ? 
1 'SSA (A^2)'  13510 ? 
# 
loop_
_pdbx_struct_oper_list.id 
_pdbx_struct_oper_list.type 
_pdbx_struct_oper_list.name 
_pdbx_struct_oper_list.symmetry_operation 
_pdbx_struct_oper_list.matrix[1][1] 
_pdbx_struct_oper_list.matrix[1][2] 
_pdbx_struct_oper_list.matrix[1][3] 
_pdbx_struct_oper_list.vector[1] 
_pdbx_struct_oper_list.matrix[2][1] 
_pdbx_struct_oper_list.matrix[2][2] 
_pdbx_struct_oper_list.matrix[2][3] 
_pdbx_struct_oper_list.vector[2] 
_pdbx_struct_oper_list.matrix[3][1] 
_pdbx_struct_oper_list.matrix[3][2] 
_pdbx_struct_oper_list.matrix[3][3] 
_pdbx_struct_oper_list.vector[3] 
1 'identity operation'         1_555 x,y,z        1.0000000000 0.0000000000  0.0000000000  0.0000000000 0.0000000000  1.0000000000  0.0000000000  0.0000000000  0.0000000000  0.0000000000  1.0000000000  0.0000000000  
2 'crystal symmetry operation' 2_665 -y+1,x-y+1,z 0.7396397227 -0.4835943547 -0.4680486949 1.5756409945 0.2180285586  -0.4857770789 0.8464538838  -9.9566686729 -0.6367076474 -0.7281188981 -0.2538626438 5.9294567704  
3 'crystal symmetry operation' 3_565 -x+y,-x+1,z  0.7396397227 0.2180285586  -0.6367076474 4.7807619213 -0.4835943547 -0.4857770789 -0.7281188981 0.2425991964  -0.4680486949 0.8464538838  -0.2538626438 10.6706051505 
# 
loop_
_pdbx_audit_revision_history.ordinal 
_pdbx_audit_revision_history.data_content_type 
_pdbx_audit_revision_history.major_revision 
_pdbx_audit_revision_history.minor_revision 
_pdbx_audit_revision_history.revision_date 
1 'Structure model' 1 0 2010-05-26 
2 'Structure model' 1 1 2011-07-13 
3 'Structure model' 1 2 2023-09-06 
# 
_pdbx_audit_revision_details.ordinal             1 
_pdbx_audit_revision_details.revision_ordinal    1 
_pdbx_audit_revision_details.data_content_type   'Structure model' 
_pdbx_audit_revision_details.provider            repository 
_pdbx_audit_revision_details.type                'Initial release' 
_pdbx_audit_revision_details.description         ? 
_pdbx_audit_revision_details.details             ? 
# 
loop_
_pdbx_audit_revision_group.ordinal 
_pdbx_audit_revision_group.revision_ordinal 
_pdbx_audit_revision_group.data_content_type 
_pdbx_audit_revision_group.group 
1 2 'Structure model' 'Version format compliance' 
2 3 'Structure model' 'Data collection'           
3 3 'Structure model' 'Database references'       
4 3 'Structure model' 'Refinement description'    
# 
loop_
_pdbx_audit_revision_category.ordinal 
_pdbx_audit_revision_category.revision_ordinal 
_pdbx_audit_revision_category.data_content_type 
_pdbx_audit_revision_category.category 
1 3 'Structure model' chem_comp_atom                
2 3 'Structure model' chem_comp_bond                
3 3 'Structure model' database_2                    
4 3 'Structure model' pdbx_initial_refinement_model 
# 
loop_
_pdbx_audit_revision_item.ordinal 
_pdbx_audit_revision_item.revision_ordinal 
_pdbx_audit_revision_item.data_content_type 
_pdbx_audit_revision_item.item 
1 3 'Structure model' '_database_2.pdbx_DOI'                
2 3 'Structure model' '_database_2.pdbx_database_accession' 
# 
loop_
_software.name 
_software.classification 
_software.version 
_software.citation_id 
_software.pdbx_ordinal 
CBASS    'data collection' . ? 1 
PHENIX   'model building'  . ? 2 
PHENIX   refinement        . ? 3 
HKL-2000 'data reduction'  . ? 4 
HKL-2000 'data scaling'    . ? 5 
PHENIX   phasing           . ? 6 
# 
_pdbx_entry_details.entry_id                 3K9A 
_pdbx_entry_details.nonpolymer_details       ? 
_pdbx_entry_details.sequence_details         
'THIS IS A FUSION PROTEIN WITH A LINKER GGGGS IN THE MIDDLE AND SIX-RESIDUES HIS TAGS AT THE C-TERMINUS END' 
_pdbx_entry_details.compound_details         ? 
_pdbx_entry_details.source_details           ? 
_pdbx_entry_details.has_ligand_of_interest   ? 
# 
_pdbx_validate_torsion.id              1 
_pdbx_validate_torsion.PDB_model_num   1 
_pdbx_validate_torsion.auth_comp_id    ASP 
_pdbx_validate_torsion.auth_asym_id    A 
_pdbx_validate_torsion.auth_seq_id     93 
_pdbx_validate_torsion.PDB_ins_code    ? 
_pdbx_validate_torsion.label_alt_id    ? 
_pdbx_validate_torsion.phi             -100.12 
_pdbx_validate_torsion.psi             51.68 
# 
loop_
_pdbx_unobs_or_zero_occ_atoms.id 
_pdbx_unobs_or_zero_occ_atoms.PDB_model_num 
_pdbx_unobs_or_zero_occ_atoms.polymer_flag 
_pdbx_unobs_or_zero_occ_atoms.occupancy_flag 
_pdbx_unobs_or_zero_occ_atoms.auth_asym_id 
_pdbx_unobs_or_zero_occ_atoms.auth_comp_id 
_pdbx_unobs_or_zero_occ_atoms.auth_seq_id 
_pdbx_unobs_or_zero_occ_atoms.PDB_ins_code 
_pdbx_unobs_or_zero_occ_atoms.auth_atom_id 
_pdbx_unobs_or_zero_occ_atoms.label_alt_id 
_pdbx_unobs_or_zero_occ_atoms.label_asym_id 
_pdbx_unobs_or_zero_occ_atoms.label_comp_id 
_pdbx_unobs_or_zero_occ_atoms.label_seq_id 
_pdbx_unobs_or_zero_occ_atoms.label_atom_id 
1  1 Y 1 A TRP 89 ? CG  ? A TRP 89 CG  
2  1 Y 1 A TRP 89 ? CD1 ? A TRP 89 CD1 
3  1 Y 1 A TRP 89 ? CD2 ? A TRP 89 CD2 
4  1 Y 1 A TRP 89 ? NE1 ? A TRP 89 NE1 
5  1 Y 1 A TRP 89 ? CE2 ? A TRP 89 CE2 
6  1 Y 1 A TRP 89 ? CE3 ? A TRP 89 CE3 
7  1 Y 1 A TRP 89 ? CZ2 ? A TRP 89 CZ2 
8  1 Y 1 A TRP 89 ? CZ3 ? A TRP 89 CZ3 
9  1 Y 1 A TRP 89 ? CH2 ? A TRP 89 CH2 
10 1 Y 1 A ASN 90 ? CG  ? A ASN 90 CG  
11 1 Y 1 A ASN 90 ? OD1 ? A ASN 90 OD1 
12 1 Y 1 A ASN 90 ? ND2 ? A ASN 90 ND2 
13 1 Y 1 A TRP 91 ? CG  ? A TRP 91 CG  
14 1 Y 1 A TRP 91 ? CD1 ? A TRP 91 CD1 
15 1 Y 1 A TRP 91 ? CD2 ? A TRP 91 CD2 
16 1 Y 1 A TRP 91 ? NE1 ? A TRP 91 NE1 
17 1 Y 1 A TRP 91 ? CE2 ? A TRP 91 CE2 
18 1 Y 1 A TRP 91 ? CE3 ? A TRP 91 CE3 
19 1 Y 1 A TRP 91 ? CZ2 ? A TRP 91 CZ2 
20 1 Y 1 A TRP 91 ? CZ3 ? A TRP 91 CZ3 
21 1 Y 1 A TRP 91 ? CH2 ? A TRP 91 CH2 
22 1 Y 1 A PHE 92 ? CG  ? A PHE 92 CG  
23 1 Y 1 A PHE 92 ? CD1 ? A PHE 92 CD1 
24 1 Y 1 A PHE 92 ? CD2 ? A PHE 92 CD2 
25 1 Y 1 A PHE 92 ? CE1 ? A PHE 92 CE1 
26 1 Y 1 A PHE 92 ? CE2 ? A PHE 92 CE2 
27 1 Y 1 A PHE 92 ? CZ  ? A PHE 92 CZ  
28 1 Y 1 A ASP 93 ? CG  ? A ASP 93 CG  
29 1 Y 1 A ASP 93 ? OD1 ? A ASP 93 OD1 
30 1 Y 1 A ASP 93 ? OD2 ? A ASP 93 OD2 
31 1 Y 1 A ILE 94 ? CG1 ? A ILE 94 CG1 
32 1 Y 1 A ILE 94 ? CG2 ? A ILE 94 CG2 
33 1 Y 1 A ILE 94 ? CD1 ? A ILE 94 CD1 
# 
loop_
_pdbx_unobs_or_zero_occ_residues.id 
_pdbx_unobs_or_zero_occ_residues.PDB_model_num 
_pdbx_unobs_or_zero_occ_residues.polymer_flag 
_pdbx_unobs_or_zero_occ_residues.occupancy_flag 
_pdbx_unobs_or_zero_occ_residues.auth_asym_id 
_pdbx_unobs_or_zero_occ_residues.auth_comp_id 
_pdbx_unobs_or_zero_occ_residues.auth_seq_id 
_pdbx_unobs_or_zero_occ_residues.PDB_ins_code 
_pdbx_unobs_or_zero_occ_residues.label_asym_id 
_pdbx_unobs_or_zero_occ_residues.label_comp_id 
_pdbx_unobs_or_zero_occ_residues.label_seq_id 
1  1 Y 1 A MET 1   ? A MET 1   
2  1 Y 1 A ALA 2   ? A ALA 2   
3  1 Y 1 A SER 3   ? A SER 3   
4  1 Y 1 A MET 4   ? A MET 4   
5  1 Y 1 A THR 5   ? A THR 5   
6  1 Y 1 A GLY 6   ? A GLY 6   
7  1 Y 1 A GLY 7   ? A GLY 7   
8  1 Y 1 A GLN 8   ? A GLN 8   
9  1 Y 1 A GLN 9   ? A GLN 9   
10 1 Y 1 A MET 10  ? A MET 10  
11 1 Y 1 A GLY 11  ? A GLY 11  
12 1 Y 1 A ARG 12  ? A ARG 12  
13 1 Y 1 A THR 95  ? A THR 95  
14 1 Y 1 A ASN 96  ? A ASN 96  
15 1 Y 1 A TRP 97  ? A TRP 97  
16 1 Y 1 A LEU 98  ? A LEU 98  
17 1 Y 1 A TRP 99  ? A TRP 99  
18 1 Y 1 A TYR 100 ? A TYR 100 
19 1 Y 1 A ILE 101 ? A ILE 101 
20 1 Y 1 A GLN 102 ? A GLN 102 
21 1 Y 1 A HIS 103 ? A HIS 103 
22 1 Y 1 A HIS 104 ? A HIS 104 
23 1 Y 1 A HIS 105 ? A HIS 105 
24 1 Y 1 A HIS 106 ? A HIS 106 
25 1 Y 1 A HIS 107 ? A HIS 107 
26 1 Y 1 A HIS 108 ? A HIS 108 
# 
loop_
_chem_comp_atom.comp_id 
_chem_comp_atom.atom_id 
_chem_comp_atom.type_symbol 
_chem_comp_atom.pdbx_aromatic_flag 
_chem_comp_atom.pdbx_stereo_config 
_chem_comp_atom.pdbx_ordinal 
ALA N    N N N 1   
ALA CA   C N S 2   
ALA C    C N N 3   
ALA O    O N N 4   
ALA CB   C N N 5   
ALA OXT  O N N 6   
ALA H    H N N 7   
ALA H2   H N N 8   
ALA HA   H N N 9   
ALA HB1  H N N 10  
ALA HB2  H N N 11  
ALA HB3  H N N 12  
ALA HXT  H N N 13  
ARG N    N N N 14  
ARG CA   C N S 15  
ARG C    C N N 16  
ARG O    O N N 17  
ARG CB   C N N 18  
ARG CG   C N N 19  
ARG CD   C N N 20  
ARG NE   N N N 21  
ARG CZ   C N N 22  
ARG NH1  N N N 23  
ARG NH2  N N N 24  
ARG OXT  O N N 25  
ARG H    H N N 26  
ARG H2   H N N 27  
ARG HA   H N N 28  
ARG HB2  H N N 29  
ARG HB3  H N N 30  
ARG HG2  H N N 31  
ARG HG3  H N N 32  
ARG HD2  H N N 33  
ARG HD3  H N N 34  
ARG HE   H N N 35  
ARG HH11 H N N 36  
ARG HH12 H N N 37  
ARG HH21 H N N 38  
ARG HH22 H N N 39  
ARG HXT  H N N 40  
ASN N    N N N 41  
ASN CA   C N S 42  
ASN C    C N N 43  
ASN O    O N N 44  
ASN CB   C N N 45  
ASN CG   C N N 46  
ASN OD1  O N N 47  
ASN ND2  N N N 48  
ASN OXT  O N N 49  
ASN H    H N N 50  
ASN H2   H N N 51  
ASN HA   H N N 52  
ASN HB2  H N N 53  
ASN HB3  H N N 54  
ASN HD21 H N N 55  
ASN HD22 H N N 56  
ASN HXT  H N N 57  
ASP N    N N N 58  
ASP CA   C N S 59  
ASP C    C N N 60  
ASP O    O N N 61  
ASP CB   C N N 62  
ASP CG   C N N 63  
ASP OD1  O N N 64  
ASP OD2  O N N 65  
ASP OXT  O N N 66  
ASP H    H N N 67  
ASP H2   H N N 68  
ASP HA   H N N 69  
ASP HB2  H N N 70  
ASP HB3  H N N 71  
ASP HD2  H N N 72  
ASP HXT  H N N 73  
GLN N    N N N 74  
GLN CA   C N S 75  
GLN C    C N N 76  
GLN O    O N N 77  
GLN CB   C N N 78  
GLN CG   C N N 79  
GLN CD   C N N 80  
GLN OE1  O N N 81  
GLN NE2  N N N 82  
GLN OXT  O N N 83  
GLN H    H N N 84  
GLN H2   H N N 85  
GLN HA   H N N 86  
GLN HB2  H N N 87  
GLN HB3  H N N 88  
GLN HG2  H N N 89  
GLN HG3  H N N 90  
GLN HE21 H N N 91  
GLN HE22 H N N 92  
GLN HXT  H N N 93  
GLU N    N N N 94  
GLU CA   C N S 95  
GLU C    C N N 96  
GLU O    O N N 97  
GLU CB   C N N 98  
GLU CG   C N N 99  
GLU CD   C N N 100 
GLU OE1  O N N 101 
GLU OE2  O N N 102 
GLU OXT  O N N 103 
GLU H    H N N 104 
GLU H2   H N N 105 
GLU HA   H N N 106 
GLU HB2  H N N 107 
GLU HB3  H N N 108 
GLU HG2  H N N 109 
GLU HG3  H N N 110 
GLU HE2  H N N 111 
GLU HXT  H N N 112 
GLY N    N N N 113 
GLY CA   C N N 114 
GLY C    C N N 115 
GLY O    O N N 116 
GLY OXT  O N N 117 
GLY H    H N N 118 
GLY H2   H N N 119 
GLY HA2  H N N 120 
GLY HA3  H N N 121 
GLY HXT  H N N 122 
HIS N    N N N 123 
HIS CA   C N S 124 
HIS C    C N N 125 
HIS O    O N N 126 
HIS CB   C N N 127 
HIS CG   C Y N 128 
HIS ND1  N Y N 129 
HIS CD2  C Y N 130 
HIS CE1  C Y N 131 
HIS NE2  N Y N 132 
HIS OXT  O N N 133 
HIS H    H N N 134 
HIS H2   H N N 135 
HIS HA   H N N 136 
HIS HB2  H N N 137 
HIS HB3  H N N 138 
HIS HD1  H N N 139 
HIS HD2  H N N 140 
HIS HE1  H N N 141 
HIS HE2  H N N 142 
HIS HXT  H N N 143 
HOH O    O N N 144 
HOH H1   H N N 145 
HOH H2   H N N 146 
ILE N    N N N 147 
ILE CA   C N S 148 
ILE C    C N N 149 
ILE O    O N N 150 
ILE CB   C N S 151 
ILE CG1  C N N 152 
ILE CG2  C N N 153 
ILE CD1  C N N 154 
ILE OXT  O N N 155 
ILE H    H N N 156 
ILE H2   H N N 157 
ILE HA   H N N 158 
ILE HB   H N N 159 
ILE HG12 H N N 160 
ILE HG13 H N N 161 
ILE HG21 H N N 162 
ILE HG22 H N N 163 
ILE HG23 H N N 164 
ILE HD11 H N N 165 
ILE HD12 H N N 166 
ILE HD13 H N N 167 
ILE HXT  H N N 168 
LEU N    N N N 169 
LEU CA   C N S 170 
LEU C    C N N 171 
LEU O    O N N 172 
LEU CB   C N N 173 
LEU CG   C N N 174 
LEU CD1  C N N 175 
LEU CD2  C N N 176 
LEU OXT  O N N 177 
LEU H    H N N 178 
LEU H2   H N N 179 
LEU HA   H N N 180 
LEU HB2  H N N 181 
LEU HB3  H N N 182 
LEU HG   H N N 183 
LEU HD11 H N N 184 
LEU HD12 H N N 185 
LEU HD13 H N N 186 
LEU HD21 H N N 187 
LEU HD22 H N N 188 
LEU HD23 H N N 189 
LEU HXT  H N N 190 
LYS N    N N N 191 
LYS CA   C N S 192 
LYS C    C N N 193 
LYS O    O N N 194 
LYS CB   C N N 195 
LYS CG   C N N 196 
LYS CD   C N N 197 
LYS CE   C N N 198 
LYS NZ   N N N 199 
LYS OXT  O N N 200 
LYS H    H N N 201 
LYS H2   H N N 202 
LYS HA   H N N 203 
LYS HB2  H N N 204 
LYS HB3  H N N 205 
LYS HG2  H N N 206 
LYS HG3  H N N 207 
LYS HD2  H N N 208 
LYS HD3  H N N 209 
LYS HE2  H N N 210 
LYS HE3  H N N 211 
LYS HZ1  H N N 212 
LYS HZ2  H N N 213 
LYS HZ3  H N N 214 
LYS HXT  H N N 215 
MET N    N N N 216 
MET CA   C N S 217 
MET C    C N N 218 
MET O    O N N 219 
MET CB   C N N 220 
MET CG   C N N 221 
MET SD   S N N 222 
MET CE   C N N 223 
MET OXT  O N N 224 
MET H    H N N 225 
MET H2   H N N 226 
MET HA   H N N 227 
MET HB2  H N N 228 
MET HB3  H N N 229 
MET HG2  H N N 230 
MET HG3  H N N 231 
MET HE1  H N N 232 
MET HE2  H N N 233 
MET HE3  H N N 234 
MET HXT  H N N 235 
PHE N    N N N 236 
PHE CA   C N S 237 
PHE C    C N N 238 
PHE O    O N N 239 
PHE CB   C N N 240 
PHE CG   C Y N 241 
PHE CD1  C Y N 242 
PHE CD2  C Y N 243 
PHE CE1  C Y N 244 
PHE CE2  C Y N 245 
PHE CZ   C Y N 246 
PHE OXT  O N N 247 
PHE H    H N N 248 
PHE H2   H N N 249 
PHE HA   H N N 250 
PHE HB2  H N N 251 
PHE HB3  H N N 252 
PHE HD1  H N N 253 
PHE HD2  H N N 254 
PHE HE1  H N N 255 
PHE HE2  H N N 256 
PHE HZ   H N N 257 
PHE HXT  H N N 258 
SER N    N N N 259 
SER CA   C N S 260 
SER C    C N N 261 
SER O    O N N 262 
SER CB   C N N 263 
SER OG   O N N 264 
SER OXT  O N N 265 
SER H    H N N 266 
SER H2   H N N 267 
SER HA   H N N 268 
SER HB2  H N N 269 
SER HB3  H N N 270 
SER HG   H N N 271 
SER HXT  H N N 272 
THR N    N N N 273 
THR CA   C N S 274 
THR C    C N N 275 
THR O    O N N 276 
THR CB   C N R 277 
THR OG1  O N N 278 
THR CG2  C N N 279 
THR OXT  O N N 280 
THR H    H N N 281 
THR H2   H N N 282 
THR HA   H N N 283 
THR HB   H N N 284 
THR HG1  H N N 285 
THR HG21 H N N 286 
THR HG22 H N N 287 
THR HG23 H N N 288 
THR HXT  H N N 289 
TRP N    N N N 290 
TRP CA   C N S 291 
TRP C    C N N 292 
TRP O    O N N 293 
TRP CB   C N N 294 
TRP CG   C Y N 295 
TRP CD1  C Y N 296 
TRP CD2  C Y N 297 
TRP NE1  N Y N 298 
TRP CE2  C Y N 299 
TRP CE3  C Y N 300 
TRP CZ2  C Y N 301 
TRP CZ3  C Y N 302 
TRP CH2  C Y N 303 
TRP OXT  O N N 304 
TRP H    H N N 305 
TRP H2   H N N 306 
TRP HA   H N N 307 
TRP HB2  H N N 308 
TRP HB3  H N N 309 
TRP HD1  H N N 310 
TRP HE1  H N N 311 
TRP HE3  H N N 312 
TRP HZ2  H N N 313 
TRP HZ3  H N N 314 
TRP HH2  H N N 315 
TRP HXT  H N N 316 
TYR N    N N N 317 
TYR CA   C N S 318 
TYR C    C N N 319 
TYR O    O N N 320 
TYR CB   C N N 321 
TYR CG   C Y N 322 
TYR CD1  C Y N 323 
TYR CD2  C Y N 324 
TYR CE1  C Y N 325 
TYR CE2  C Y N 326 
TYR CZ   C Y N 327 
TYR OH   O N N 328 
TYR OXT  O N N 329 
TYR H    H N N 330 
TYR H2   H N N 331 
TYR HA   H N N 332 
TYR HB2  H N N 333 
TYR HB3  H N N 334 
TYR HD1  H N N 335 
TYR HD2  H N N 336 
TYR HE1  H N N 337 
TYR HE2  H N N 338 
TYR HH   H N N 339 
TYR HXT  H N N 340 
VAL N    N N N 341 
VAL CA   C N S 342 
VAL C    C N N 343 
VAL O    O N N 344 
VAL CB   C N N 345 
VAL CG1  C N N 346 
VAL CG2  C N N 347 
VAL OXT  O N N 348 
VAL H    H N N 349 
VAL H2   H N N 350 
VAL HA   H N N 351 
VAL HB   H N N 352 
VAL HG11 H N N 353 
VAL HG12 H N N 354 
VAL HG13 H N N 355 
VAL HG21 H N N 356 
VAL HG22 H N N 357 
VAL HG23 H N N 358 
VAL HXT  H N N 359 
# 
loop_
_chem_comp_bond.comp_id 
_chem_comp_bond.atom_id_1 
_chem_comp_bond.atom_id_2 
_chem_comp_bond.value_order 
_chem_comp_bond.pdbx_aromatic_flag 
_chem_comp_bond.pdbx_stereo_config 
_chem_comp_bond.pdbx_ordinal 
ALA N   CA   sing N N 1   
ALA N   H    sing N N 2   
ALA N   H2   sing N N 3   
ALA CA  C    sing N N 4   
ALA CA  CB   sing N N 5   
ALA CA  HA   sing N N 6   
ALA C   O    doub N N 7   
ALA C   OXT  sing N N 8   
ALA CB  HB1  sing N N 9   
ALA CB  HB2  sing N N 10  
ALA CB  HB3  sing N N 11  
ALA OXT HXT  sing N N 12  
ARG N   CA   sing N N 13  
ARG N   H    sing N N 14  
ARG N   H2   sing N N 15  
ARG CA  C    sing N N 16  
ARG CA  CB   sing N N 17  
ARG CA  HA   sing N N 18  
ARG C   O    doub N N 19  
ARG C   OXT  sing N N 20  
ARG CB  CG   sing N N 21  
ARG CB  HB2  sing N N 22  
ARG CB  HB3  sing N N 23  
ARG CG  CD   sing N N 24  
ARG CG  HG2  sing N N 25  
ARG CG  HG3  sing N N 26  
ARG CD  NE   sing N N 27  
ARG CD  HD2  sing N N 28  
ARG CD  HD3  sing N N 29  
ARG NE  CZ   sing N N 30  
ARG NE  HE   sing N N 31  
ARG CZ  NH1  sing N N 32  
ARG CZ  NH2  doub N N 33  
ARG NH1 HH11 sing N N 34  
ARG NH1 HH12 sing N N 35  
ARG NH2 HH21 sing N N 36  
ARG NH2 HH22 sing N N 37  
ARG OXT HXT  sing N N 38  
ASN N   CA   sing N N 39  
ASN N   H    sing N N 40  
ASN N   H2   sing N N 41  
ASN CA  C    sing N N 42  
ASN CA  CB   sing N N 43  
ASN CA  HA   sing N N 44  
ASN C   O    doub N N 45  
ASN C   OXT  sing N N 46  
ASN CB  CG   sing N N 47  
ASN CB  HB2  sing N N 48  
ASN CB  HB3  sing N N 49  
ASN CG  OD1  doub N N 50  
ASN CG  ND2  sing N N 51  
ASN ND2 HD21 sing N N 52  
ASN ND2 HD22 sing N N 53  
ASN OXT HXT  sing N N 54  
ASP N   CA   sing N N 55  
ASP N   H    sing N N 56  
ASP N   H2   sing N N 57  
ASP CA  C    sing N N 58  
ASP CA  CB   sing N N 59  
ASP CA  HA   sing N N 60  
ASP C   O    doub N N 61  
ASP C   OXT  sing N N 62  
ASP CB  CG   sing N N 63  
ASP CB  HB2  sing N N 64  
ASP CB  HB3  sing N N 65  
ASP CG  OD1  doub N N 66  
ASP CG  OD2  sing N N 67  
ASP OD2 HD2  sing N N 68  
ASP OXT HXT  sing N N 69  
GLN N   CA   sing N N 70  
GLN N   H    sing N N 71  
GLN N   H2   sing N N 72  
GLN CA  C    sing N N 73  
GLN CA  CB   sing N N 74  
GLN CA  HA   sing N N 75  
GLN C   O    doub N N 76  
GLN C   OXT  sing N N 77  
GLN CB  CG   sing N N 78  
GLN CB  HB2  sing N N 79  
GLN CB  HB3  sing N N 80  
GLN CG  CD   sing N N 81  
GLN CG  HG2  sing N N 82  
GLN CG  HG3  sing N N 83  
GLN CD  OE1  doub N N 84  
GLN CD  NE2  sing N N 85  
GLN NE2 HE21 sing N N 86  
GLN NE2 HE22 sing N N 87  
GLN OXT HXT  sing N N 88  
GLU N   CA   sing N N 89  
GLU N   H    sing N N 90  
GLU N   H2   sing N N 91  
GLU CA  C    sing N N 92  
GLU CA  CB   sing N N 93  
GLU CA  HA   sing N N 94  
GLU C   O    doub N N 95  
GLU C   OXT  sing N N 96  
GLU CB  CG   sing N N 97  
GLU CB  HB2  sing N N 98  
GLU CB  HB3  sing N N 99  
GLU CG  CD   sing N N 100 
GLU CG  HG2  sing N N 101 
GLU CG  HG3  sing N N 102 
GLU CD  OE1  doub N N 103 
GLU CD  OE2  sing N N 104 
GLU OE2 HE2  sing N N 105 
GLU OXT HXT  sing N N 106 
GLY N   CA   sing N N 107 
GLY N   H    sing N N 108 
GLY N   H2   sing N N 109 
GLY CA  C    sing N N 110 
GLY CA  HA2  sing N N 111 
GLY CA  HA3  sing N N 112 
GLY C   O    doub N N 113 
GLY C   OXT  sing N N 114 
GLY OXT HXT  sing N N 115 
HIS N   CA   sing N N 116 
HIS N   H    sing N N 117 
HIS N   H2   sing N N 118 
HIS CA  C    sing N N 119 
HIS CA  CB   sing N N 120 
HIS CA  HA   sing N N 121 
HIS C   O    doub N N 122 
HIS C   OXT  sing N N 123 
HIS CB  CG   sing N N 124 
HIS CB  HB2  sing N N 125 
HIS CB  HB3  sing N N 126 
HIS CG  ND1  sing Y N 127 
HIS CG  CD2  doub Y N 128 
HIS ND1 CE1  doub Y N 129 
HIS ND1 HD1  sing N N 130 
HIS CD2 NE2  sing Y N 131 
HIS CD2 HD2  sing N N 132 
HIS CE1 NE2  sing Y N 133 
HIS CE1 HE1  sing N N 134 
HIS NE2 HE2  sing N N 135 
HIS OXT HXT  sing N N 136 
HOH O   H1   sing N N 137 
HOH O   H2   sing N N 138 
ILE N   CA   sing N N 139 
ILE N   H    sing N N 140 
ILE N   H2   sing N N 141 
ILE CA  C    sing N N 142 
ILE CA  CB   sing N N 143 
ILE CA  HA   sing N N 144 
ILE C   O    doub N N 145 
ILE C   OXT  sing N N 146 
ILE CB  CG1  sing N N 147 
ILE CB  CG2  sing N N 148 
ILE CB  HB   sing N N 149 
ILE CG1 CD1  sing N N 150 
ILE CG1 HG12 sing N N 151 
ILE CG1 HG13 sing N N 152 
ILE CG2 HG21 sing N N 153 
ILE CG2 HG22 sing N N 154 
ILE CG2 HG23 sing N N 155 
ILE CD1 HD11 sing N N 156 
ILE CD1 HD12 sing N N 157 
ILE CD1 HD13 sing N N 158 
ILE OXT HXT  sing N N 159 
LEU N   CA   sing N N 160 
LEU N   H    sing N N 161 
LEU N   H2   sing N N 162 
LEU CA  C    sing N N 163 
LEU CA  CB   sing N N 164 
LEU CA  HA   sing N N 165 
LEU C   O    doub N N 166 
LEU C   OXT  sing N N 167 
LEU CB  CG   sing N N 168 
LEU CB  HB2  sing N N 169 
LEU CB  HB3  sing N N 170 
LEU CG  CD1  sing N N 171 
LEU CG  CD2  sing N N 172 
LEU CG  HG   sing N N 173 
LEU CD1 HD11 sing N N 174 
LEU CD1 HD12 sing N N 175 
LEU CD1 HD13 sing N N 176 
LEU CD2 HD21 sing N N 177 
LEU CD2 HD22 sing N N 178 
LEU CD2 HD23 sing N N 179 
LEU OXT HXT  sing N N 180 
LYS N   CA   sing N N 181 
LYS N   H    sing N N 182 
LYS N   H2   sing N N 183 
LYS CA  C    sing N N 184 
LYS CA  CB   sing N N 185 
LYS CA  HA   sing N N 186 
LYS C   O    doub N N 187 
LYS C   OXT  sing N N 188 
LYS CB  CG   sing N N 189 
LYS CB  HB2  sing N N 190 
LYS CB  HB3  sing N N 191 
LYS CG  CD   sing N N 192 
LYS CG  HG2  sing N N 193 
LYS CG  HG3  sing N N 194 
LYS CD  CE   sing N N 195 
LYS CD  HD2  sing N N 196 
LYS CD  HD3  sing N N 197 
LYS CE  NZ   sing N N 198 
LYS CE  HE2  sing N N 199 
LYS CE  HE3  sing N N 200 
LYS NZ  HZ1  sing N N 201 
LYS NZ  HZ2  sing N N 202 
LYS NZ  HZ3  sing N N 203 
LYS OXT HXT  sing N N 204 
MET N   CA   sing N N 205 
MET N   H    sing N N 206 
MET N   H2   sing N N 207 
MET CA  C    sing N N 208 
MET CA  CB   sing N N 209 
MET CA  HA   sing N N 210 
MET C   O    doub N N 211 
MET C   OXT  sing N N 212 
MET CB  CG   sing N N 213 
MET CB  HB2  sing N N 214 
MET CB  HB3  sing N N 215 
MET CG  SD   sing N N 216 
MET CG  HG2  sing N N 217 
MET CG  HG3  sing N N 218 
MET SD  CE   sing N N 219 
MET CE  HE1  sing N N 220 
MET CE  HE2  sing N N 221 
MET CE  HE3  sing N N 222 
MET OXT HXT  sing N N 223 
PHE N   CA   sing N N 224 
PHE N   H    sing N N 225 
PHE N   H2   sing N N 226 
PHE CA  C    sing N N 227 
PHE CA  CB   sing N N 228 
PHE CA  HA   sing N N 229 
PHE C   O    doub N N 230 
PHE C   OXT  sing N N 231 
PHE CB  CG   sing N N 232 
PHE CB  HB2  sing N N 233 
PHE CB  HB3  sing N N 234 
PHE CG  CD1  doub Y N 235 
PHE CG  CD2  sing Y N 236 
PHE CD1 CE1  sing Y N 237 
PHE CD1 HD1  sing N N 238 
PHE CD2 CE2  doub Y N 239 
PHE CD2 HD2  sing N N 240 
PHE CE1 CZ   doub Y N 241 
PHE CE1 HE1  sing N N 242 
PHE CE2 CZ   sing Y N 243 
PHE CE2 HE2  sing N N 244 
PHE CZ  HZ   sing N N 245 
PHE OXT HXT  sing N N 246 
SER N   CA   sing N N 247 
SER N   H    sing N N 248 
SER N   H2   sing N N 249 
SER CA  C    sing N N 250 
SER CA  CB   sing N N 251 
SER CA  HA   sing N N 252 
SER C   O    doub N N 253 
SER C   OXT  sing N N 254 
SER CB  OG   sing N N 255 
SER CB  HB2  sing N N 256 
SER CB  HB3  sing N N 257 
SER OG  HG   sing N N 258 
SER OXT HXT  sing N N 259 
THR N   CA   sing N N 260 
THR N   H    sing N N 261 
THR N   H2   sing N N 262 
THR CA  C    sing N N 263 
THR CA  CB   sing N N 264 
THR CA  HA   sing N N 265 
THR C   O    doub N N 266 
THR C   OXT  sing N N 267 
THR CB  OG1  sing N N 268 
THR CB  CG2  sing N N 269 
THR CB  HB   sing N N 270 
THR OG1 HG1  sing N N 271 
THR CG2 HG21 sing N N 272 
THR CG2 HG22 sing N N 273 
THR CG2 HG23 sing N N 274 
THR OXT HXT  sing N N 275 
TRP N   CA   sing N N 276 
TRP N   H    sing N N 277 
TRP N   H2   sing N N 278 
TRP CA  C    sing N N 279 
TRP CA  CB   sing N N 280 
TRP CA  HA   sing N N 281 
TRP C   O    doub N N 282 
TRP C   OXT  sing N N 283 
TRP CB  CG   sing N N 284 
TRP CB  HB2  sing N N 285 
TRP CB  HB3  sing N N 286 
TRP CG  CD1  doub Y N 287 
TRP CG  CD2  sing Y N 288 
TRP CD1 NE1  sing Y N 289 
TRP CD1 HD1  sing N N 290 
TRP CD2 CE2  doub Y N 291 
TRP CD2 CE3  sing Y N 292 
TRP NE1 CE2  sing Y N 293 
TRP NE1 HE1  sing N N 294 
TRP CE2 CZ2  sing Y N 295 
TRP CE3 CZ3  doub Y N 296 
TRP CE3 HE3  sing N N 297 
TRP CZ2 CH2  doub Y N 298 
TRP CZ2 HZ2  sing N N 299 
TRP CZ3 CH2  sing Y N 300 
TRP CZ3 HZ3  sing N N 301 
TRP CH2 HH2  sing N N 302 
TRP OXT HXT  sing N N 303 
TYR N   CA   sing N N 304 
TYR N   H    sing N N 305 
TYR N   H2   sing N N 306 
TYR CA  C    sing N N 307 
TYR CA  CB   sing N N 308 
TYR CA  HA   sing N N 309 
TYR C   O    doub N N 310 
TYR C   OXT  sing N N 311 
TYR CB  CG   sing N N 312 
TYR CB  HB2  sing N N 313 
TYR CB  HB3  sing N N 314 
TYR CG  CD1  doub Y N 315 
TYR CG  CD2  sing Y N 316 
TYR CD1 CE1  sing Y N 317 
TYR CD1 HD1  sing N N 318 
TYR CD2 CE2  doub Y N 319 
TYR CD2 HD2  sing N N 320 
TYR CE1 CZ   doub Y N 321 
TYR CE1 HE1  sing N N 322 
TYR CE2 CZ   sing Y N 323 
TYR CE2 HE2  sing N N 324 
TYR CZ  OH   sing N N 325 
TYR OH  HH   sing N N 326 
TYR OXT HXT  sing N N 327 
VAL N   CA   sing N N 328 
VAL N   H    sing N N 329 
VAL N   H2   sing N N 330 
VAL CA  C    sing N N 331 
VAL CA  CB   sing N N 332 
VAL CA  HA   sing N N 333 
VAL C   O    doub N N 334 
VAL C   OXT  sing N N 335 
VAL CB  CG1  sing N N 336 
VAL CB  CG2  sing N N 337 
VAL CB  HB   sing N N 338 
VAL CG1 HG11 sing N N 339 
VAL CG1 HG12 sing N N 340 
VAL CG1 HG13 sing N N 341 
VAL CG2 HG21 sing N N 342 
VAL CG2 HG22 sing N N 343 
VAL CG2 HG23 sing N N 344 
VAL OXT HXT  sing N N 345 
# 
_pdbx_entity_nonpoly.entity_id   2 
_pdbx_entity_nonpoly.name        water 
_pdbx_entity_nonpoly.comp_id     HOH 
# 
_pdbx_initial_refinement_model.id               1 
_pdbx_initial_refinement_model.entity_id_list   ? 
_pdbx_initial_refinement_model.type             'experimental model' 
_pdbx_initial_refinement_model.source_name      PDB 
_pdbx_initial_refinement_model.accession_code   1AIK 
_pdbx_initial_refinement_model.details          'PDB entry 1AIK' 
# 
